data_5XC6
#
_entry.id   5XC6
#
_cell.length_a   132.899
_cell.length_b   105.406
_cell.length_c   72.694
_cell.angle_alpha   90.00
_cell.angle_beta   116.36
_cell.angle_gamma   90.00
#
_symmetry.space_group_name_H-M   'C 1 2 1'
#
loop_
_entity.id
_entity.type
_entity.pdbx_description
1 polymer 'NS3 Helicase'
2 polymer "RNA (5'-R(*AP*GP*UP*UP*GP*UP*UP*AP*GP*UP*CP*U)-3')"
3 non-polymer 'PHOSPHATE ION'
#
loop_
_entity_poly.entity_id
_entity_poly.type
_entity_poly.pdbx_seq_one_letter_code
_entity_poly.pdbx_strand_id
1 'polypeptide(L)'
;GSAMGEPDYEVDEDIFRKKRLTIMDLHPGAGKTKRILPSIVREALKRRLRTLILAPTRVVAAEMEEALRGLPIRYQTPAV
KSDHTGREIVDLMCHATFTTRLLSSTRVPNYNLIVMDEAHFTDPCSVAARGYISTRVEMGEAAAIFMTATPPGSIDPFPQ
SNSPIEDIEREIPERSWNTGFDWITDYQGKTVWFVPSIKAGNDIANCLRKSGKRVIQLSRKTFDTEYPKTKLTDWDFVVT
TDISEMGANFRAGRVIDPRRCLKPVILTDGPERVILAGPIPVTPASAAQRRGRIGRNPAQEDDQYVFSGDPLKNDEDHAH
WTEAKMLLDNIYTPEGIIPTLFGPEREKTQAIDGEFRLRGEQRKTFVELMRRGDLPVWLSYKVASAGISYKDREWCFTGE
RNNQILEENMEVEIWTREGEKKKLRPKWLDARVYADPMALKDFKEFASGRK
;
A,B
2 'polyribonucleotide' AGUUGUUAGUCU C,D
#
loop_
_chem_comp.id
_chem_comp.type
_chem_comp.name
_chem_comp.formula
A RNA linking ADENOSINE-5'-MONOPHOSPHATE 'C10 H14 N5 O7 P'
C RNA linking CYTIDINE-5'-MONOPHOSPHATE 'C9 H14 N3 O8 P'
G RNA linking GUANOSINE-5'-MONOPHOSPHATE 'C10 H14 N5 O8 P'
PO4 non-polymer 'PHOSPHATE ION' 'O4 P -3'
U RNA linking URIDINE-5'-MONOPHOSPHATE 'C9 H13 N2 O9 P'
#
# COMPACT_ATOMS: atom_id res chain seq x y z
N GLY A 1 10.79 -31.63 -13.66
CA GLY A 1 10.52 -31.85 -12.25
C GLY A 1 11.00 -30.71 -11.38
N SER A 2 11.04 -30.95 -10.07
CA SER A 2 11.47 -29.93 -9.13
C SER A 2 11.88 -30.54 -7.81
N ALA A 3 12.72 -29.83 -7.10
CA ALA A 3 13.05 -30.19 -5.74
C ALA A 3 11.97 -29.63 -4.81
N MET A 4 12.08 -29.91 -3.52
CA MET A 4 11.14 -29.31 -2.61
C MET A 4 11.44 -27.80 -2.67
N GLY A 5 10.40 -27.01 -2.77
CA GLY A 5 10.58 -25.58 -2.78
C GLY A 5 10.59 -24.81 -4.05
N GLU A 6 11.30 -25.26 -5.07
CA GLU A 6 11.33 -24.53 -6.32
C GLU A 6 10.21 -24.97 -7.20
N PRO A 7 9.69 -24.07 -8.01
CA PRO A 7 8.60 -24.45 -8.90
C PRO A 7 9.05 -25.43 -9.97
N ASP A 8 8.13 -26.20 -10.53
CA ASP A 8 8.47 -27.12 -11.60
C ASP A 8 8.85 -26.34 -12.85
N TYR A 9 9.79 -26.88 -13.61
CA TYR A 9 10.21 -26.26 -14.86
C TYR A 9 9.28 -26.71 -15.99
N GLU A 10 8.41 -27.67 -15.69
CA GLU A 10 7.49 -28.22 -16.68
C GLU A 10 6.04 -27.90 -16.32
N VAL A 11 5.29 -27.40 -17.31
CA VAL A 11 3.89 -27.02 -17.09
C VAL A 11 3.01 -27.52 -18.24
N ASP A 12 1.91 -28.17 -17.88
CA ASP A 12 0.96 -28.68 -18.88
C ASP A 12 0.39 -27.56 -19.74
N GLU A 13 0.58 -27.66 -21.06
CA GLU A 13 -0.03 -26.72 -21.99
C GLU A 13 -1.53 -26.99 -22.07
N ASP A 14 -1.92 -28.13 -21.52
CA ASP A 14 -3.31 -28.54 -21.40
C ASP A 14 -4.20 -27.45 -20.78
N ILE A 15 -3.66 -26.75 -19.78
CA ILE A 15 -4.43 -25.81 -18.98
C ILE A 15 -4.53 -24.40 -19.57
N PHE A 16 -3.81 -24.14 -20.66
CA PHE A 16 -3.74 -22.78 -21.21
C PHE A 16 -4.65 -22.57 -22.42
N ARG A 17 -5.27 -23.64 -22.91
CA ARG A 17 -6.14 -23.54 -24.07
C ARG A 17 -7.47 -22.88 -23.71
N LYS A 18 -8.00 -22.09 -24.63
CA LYS A 18 -9.32 -21.50 -24.47
C LYS A 18 -10.36 -22.61 -24.33
N LYS A 19 -11.53 -22.27 -23.79
CA LYS A 19 -12.62 -23.21 -23.53
C LYS A 19 -12.24 -24.31 -22.53
N ARG A 20 -11.22 -24.07 -21.71
CA ARG A 20 -10.75 -25.10 -20.79
C ARG A 20 -10.72 -24.64 -19.33
N LEU A 21 -11.67 -25.11 -18.54
CA LEU A 21 -11.69 -24.87 -17.11
C LEU A 21 -10.93 -25.98 -16.41
N THR A 22 -10.09 -25.60 -15.44
CA THR A 22 -9.29 -26.57 -14.69
C THR A 22 -9.46 -26.42 -13.19
N ILE A 23 -9.76 -27.52 -12.51
CA ILE A 23 -9.85 -27.53 -11.05
C ILE A 23 -8.66 -28.30 -10.47
N MET A 24 -7.86 -27.59 -9.68
CA MET A 24 -6.69 -28.13 -9.07
C MET A 24 -7.09 -28.36 -7.65
N ASP A 25 -7.22 -29.62 -7.35
CA ASP A 25 -7.72 -30.14 -6.11
C ASP A 25 -6.77 -30.44 -4.99
N LEU A 26 -5.53 -30.05 -5.15
CA LEU A 26 -4.52 -30.39 -4.18
C LEU A 26 -4.80 -29.97 -2.76
N HIS A 27 -4.43 -30.85 -1.85
CA HIS A 27 -4.63 -30.69 -0.44
C HIS A 27 -3.77 -29.59 0.16
N PRO A 28 -4.20 -29.06 1.28
CA PRO A 28 -3.49 -27.96 1.89
C PRO A 28 -2.04 -28.27 2.14
N GLY A 29 -1.14 -27.37 1.80
CA GLY A 29 0.27 -27.57 2.05
C GLY A 29 0.98 -28.33 0.93
N ALA A 30 0.28 -28.54 -0.19
CA ALA A 30 0.86 -29.25 -1.32
C ALA A 30 1.68 -28.30 -2.20
N GLY A 31 1.51 -27.00 -1.97
CA GLY A 31 2.32 -26.00 -2.63
C GLY A 31 1.74 -25.41 -3.90
N LYS A 32 0.43 -25.17 -3.91
CA LYS A 32 -0.22 -24.55 -5.07
C LYS A 32 0.21 -23.08 -5.20
N THR A 33 0.60 -22.49 -4.08
CA THR A 33 1.03 -21.10 -4.05
C THR A 33 2.54 -20.99 -4.19
N LYS A 34 3.26 -21.78 -3.41
CA LYS A 34 4.73 -21.70 -3.39
C LYS A 34 5.37 -22.29 -4.64
N ARG A 35 4.73 -23.29 -5.24
CA ARG A 35 5.31 -23.98 -6.39
C ARG A 35 4.51 -23.78 -7.68
N ILE A 36 3.25 -24.19 -7.65
CA ILE A 36 2.42 -24.24 -8.85
C ILE A 36 2.12 -22.87 -9.44
N LEU A 37 1.60 -21.97 -8.61
CA LEU A 37 1.23 -20.63 -9.06
C LEU A 37 2.38 -19.88 -9.76
N PRO A 38 3.62 -19.95 -9.23
CA PRO A 38 4.71 -19.32 -9.98
C PRO A 38 4.87 -19.86 -11.40
N SER A 39 4.90 -21.18 -11.54
CA SER A 39 5.14 -21.81 -12.82
C SER A 39 3.98 -21.64 -13.80
N ILE A 40 2.78 -21.43 -13.28
CA ILE A 40 1.64 -21.12 -14.13
C ILE A 40 1.82 -19.72 -14.72
N VAL A 41 2.25 -18.78 -13.88
CA VAL A 41 2.50 -17.41 -14.32
C VAL A 41 3.72 -17.31 -15.22
N ARG A 42 4.80 -18.00 -14.84
CA ARG A 42 6.02 -18.01 -15.63
C ARG A 42 5.78 -18.52 -17.04
N GLU A 43 4.94 -19.55 -17.16
CA GLU A 43 4.60 -20.11 -18.46
C GLU A 43 3.54 -19.26 -19.18
N ALA A 44 2.67 -18.63 -18.40
CA ALA A 44 1.67 -17.73 -18.97
C ALA A 44 2.33 -16.50 -19.58
N LEU A 45 3.34 -16.01 -18.92
CA LEU A 45 4.08 -14.88 -19.41
C LEU A 45 4.78 -15.20 -20.69
N LYS A 46 5.36 -16.39 -20.77
CA LYS A 46 6.08 -16.88 -21.94
C LYS A 46 5.20 -16.97 -23.16
N ARG A 47 3.96 -17.39 -22.95
CA ARG A 47 2.98 -17.54 -23.98
C ARG A 47 2.30 -16.23 -24.28
N ARG A 48 2.68 -15.19 -23.54
CA ARG A 48 2.13 -13.85 -23.63
C ARG A 48 0.61 -13.83 -23.50
N LEU A 49 0.11 -14.48 -22.46
CA LEU A 49 -1.33 -14.51 -22.19
C LEU A 49 -1.70 -13.44 -21.18
N ARG A 50 -2.65 -12.59 -21.55
CA ARG A 50 -3.17 -11.58 -20.63
C ARG A 50 -3.80 -12.30 -19.44
N THR A 51 -3.19 -12.16 -18.27
CA THR A 51 -3.51 -13.00 -17.13
C THR A 51 -4.11 -12.24 -15.96
N LEU A 52 -5.15 -12.82 -15.34
CA LEU A 52 -5.69 -12.28 -14.10
C LEU A 52 -5.56 -13.29 -12.97
N ILE A 53 -4.97 -12.85 -11.86
CA ILE A 53 -4.84 -13.69 -10.68
C ILE A 53 -5.71 -13.15 -9.54
N LEU A 54 -6.70 -13.93 -9.14
CA LEU A 54 -7.65 -13.52 -8.11
C LEU A 54 -7.38 -14.22 -6.79
N ALA A 55 -7.32 -13.43 -5.72
CA ALA A 55 -7.16 -13.97 -4.36
C ALA A 55 -8.38 -13.60 -3.51
N PRO A 56 -8.77 -14.48 -2.58
CA PRO A 56 -9.97 -14.17 -1.78
C PRO A 56 -9.74 -13.03 -0.80
N THR A 57 -8.58 -13.00 -0.15
CA THR A 57 -8.29 -12.03 0.88
C THR A 57 -6.96 -11.33 0.65
N ARG A 58 -6.64 -10.37 1.52
CA ARG A 58 -5.35 -9.71 1.48
C ARG A 58 -4.28 -10.60 2.10
N VAL A 59 -4.72 -11.62 2.82
CA VAL A 59 -3.83 -12.61 3.40
C VAL A 59 -3.29 -13.54 2.33
N VAL A 60 -4.19 -14.05 1.49
CA VAL A 60 -3.80 -14.87 0.36
C VAL A 60 -3.05 -14.01 -0.67
N ALA A 61 -3.48 -12.76 -0.80
CA ALA A 61 -2.81 -11.82 -1.69
C ALA A 61 -1.35 -11.62 -1.29
N ALA A 62 -1.11 -11.60 0.02
CA ALA A 62 0.25 -11.42 0.54
C ALA A 62 1.11 -12.65 0.32
N GLU A 63 0.54 -13.82 0.57
CA GLU A 63 1.26 -15.09 0.42
C GLU A 63 1.56 -15.39 -1.06
N MET A 64 0.86 -14.69 -1.95
CA MET A 64 1.13 -14.81 -3.38
C MET A 64 2.35 -14.00 -3.78
N GLU A 65 2.45 -12.79 -3.23
CA GLU A 65 3.53 -11.87 -3.57
C GLU A 65 4.89 -12.47 -3.23
N GLU A 66 4.94 -13.26 -2.16
CA GLU A 66 6.18 -13.93 -1.78
C GLU A 66 6.61 -14.94 -2.83
N ALA A 67 5.65 -15.70 -3.33
CA ALA A 67 5.93 -16.73 -4.33
C ALA A 67 6.22 -16.13 -5.70
N LEU A 68 5.56 -15.03 -5.99
CA LEU A 68 5.69 -14.40 -7.26
C LEU A 68 6.57 -13.21 -7.28
N ARG A 69 7.23 -12.94 -6.18
CA ARG A 69 8.09 -11.77 -6.09
C ARG A 69 9.13 -11.81 -7.15
N GLY A 70 9.28 -10.67 -7.77
CA GLY A 70 10.19 -10.43 -8.86
C GLY A 70 9.59 -10.54 -10.24
N LEU A 71 8.45 -11.15 -10.40
CA LEU A 71 7.84 -11.26 -11.71
C LEU A 71 7.12 -9.97 -12.10
N PRO A 72 6.87 -9.76 -13.39
CA PRO A 72 6.22 -8.54 -13.84
C PRO A 72 4.72 -8.59 -13.69
N ILE A 73 4.29 -8.50 -12.45
CA ILE A 73 2.86 -8.53 -12.13
C ILE A 73 2.40 -7.14 -11.71
N ARG A 74 1.16 -6.78 -12.05
CA ARG A 74 0.57 -5.57 -11.49
C ARG A 74 -0.35 -5.94 -10.33
N TYR A 75 0.02 -5.51 -9.13
CA TYR A 75 -0.75 -5.82 -7.95
C TYR A 75 -1.76 -4.72 -7.63
N GLN A 76 -3.04 -5.04 -7.80
CA GLN A 76 -4.10 -4.09 -7.54
C GLN A 76 -4.84 -4.44 -6.26
N THR A 77 -4.09 -4.42 -5.15
CA THR A 77 -4.63 -4.67 -3.82
C THR A 77 -3.82 -3.93 -2.78
N PRO A 78 -4.49 -3.27 -1.82
CA PRO A 78 -3.84 -2.53 -0.74
C PRO A 78 -3.09 -3.43 0.25
N ALA A 79 -2.74 -4.61 -0.23
CA ALA A 79 -1.99 -5.54 0.57
C ALA A 79 -0.55 -5.65 0.10
N VAL A 80 -0.31 -5.24 -1.12
CA VAL A 80 0.99 -5.28 -1.72
C VAL A 80 1.33 -3.94 -2.29
N LYS A 81 2.61 -3.61 -2.22
CA LYS A 81 3.13 -2.38 -2.76
C LYS A 81 3.98 -2.81 -3.91
N SER A 82 3.73 -2.26 -5.08
CA SER A 82 4.52 -2.62 -6.23
C SER A 82 4.90 -1.43 -7.06
N ASP A 83 5.99 -1.56 -7.79
CA ASP A 83 6.43 -0.52 -8.64
C ASP A 83 5.95 -1.07 -9.90
N HIS A 84 4.95 -0.47 -10.51
CA HIS A 84 4.46 -0.99 -11.76
C HIS A 84 4.62 -0.01 -12.91
N THR A 85 5.17 -0.49 -14.00
CA THR A 85 5.32 0.29 -15.17
C THR A 85 4.02 0.59 -15.82
N GLY A 86 3.20 -0.43 -15.85
CA GLY A 86 1.94 -0.36 -16.59
C GLY A 86 1.99 -1.15 -17.89
N ARG A 87 3.04 -1.89 -18.13
CA ARG A 87 2.99 -2.69 -19.33
C ARG A 87 2.79 -4.19 -19.06
N GLU A 88 2.60 -4.55 -17.80
CA GLU A 88 2.37 -5.91 -17.42
C GLU A 88 1.16 -6.50 -18.03
N ILE A 89 1.25 -7.78 -18.33
CA ILE A 89 0.16 -8.50 -18.89
C ILE A 89 -0.45 -9.39 -17.86
N VAL A 90 -0.02 -9.23 -16.62
CA VAL A 90 -0.58 -9.98 -15.49
C VAL A 90 -1.08 -9.03 -14.42
N ASP A 91 -2.36 -9.17 -14.08
CA ASP A 91 -2.95 -8.38 -13.00
C ASP A 91 -3.32 -9.28 -11.82
N LEU A 92 -2.93 -8.86 -10.62
CA LEU A 92 -3.34 -9.56 -9.41
C LEU A 92 -4.24 -8.66 -8.58
N MET A 93 -5.34 -9.22 -8.11
CA MET A 93 -6.31 -8.48 -7.32
C MET A 93 -7.18 -9.45 -6.53
N CYS A 94 -8.08 -8.92 -5.71
CA CYS A 94 -8.94 -9.78 -4.92
C CYS A 94 -10.21 -10.14 -5.68
N HIS A 95 -10.83 -11.26 -5.30
CA HIS A 95 -12.08 -11.73 -5.89
C HIS A 95 -13.12 -10.62 -5.98
N ALA A 96 -13.35 -9.96 -4.85
CA ALA A 96 -14.39 -8.93 -4.76
C ALA A 96 -14.03 -7.69 -5.56
N THR A 97 -12.73 -7.44 -5.74
CA THR A 97 -12.28 -6.29 -6.53
C THR A 97 -12.68 -6.49 -7.99
N PHE A 98 -12.55 -7.73 -8.47
CA PHE A 98 -12.86 -8.06 -9.86
C PHE A 98 -14.35 -8.02 -10.12
N THR A 99 -15.14 -8.49 -9.16
CA THR A 99 -16.59 -8.43 -9.27
C THR A 99 -17.05 -6.98 -9.25
N THR A 100 -16.44 -6.19 -8.37
CA THR A 100 -16.71 -4.77 -8.25
C THR A 100 -16.51 -4.04 -9.58
N ARG A 101 -15.38 -4.32 -10.23
CA ARG A 101 -15.04 -3.65 -11.47
C ARG A 101 -15.91 -4.11 -12.64
N LEU A 102 -16.35 -5.36 -12.59
CA LEU A 102 -17.30 -5.85 -13.58
C LEU A 102 -18.61 -5.06 -13.50
N LEU A 103 -19.08 -4.89 -12.30
CA LEU A 103 -20.26 -4.13 -12.00
C LEU A 103 -20.06 -2.68 -12.21
N SER A 104 -18.92 -2.14 -11.81
CA SER A 104 -18.68 -0.74 -12.03
C SER A 104 -18.47 -0.73 -13.50
N SER A 105 -19.21 0.10 -14.19
CA SER A 105 -19.27 0.07 -15.64
C SER A 105 -18.01 0.27 -16.46
N THR A 106 -16.97 0.86 -15.88
CA THR A 106 -15.73 1.03 -16.61
C THR A 106 -15.26 -0.35 -17.01
N ARG A 107 -14.88 -0.49 -18.27
CA ARG A 107 -14.48 -1.76 -18.85
C ARG A 107 -13.22 -2.40 -18.27
N VAL A 108 -13.22 -3.72 -18.21
CA VAL A 108 -12.09 -4.50 -17.70
C VAL A 108 -11.40 -5.28 -18.83
N PRO A 109 -10.11 -5.59 -18.65
CA PRO A 109 -9.31 -6.33 -19.64
C PRO A 109 -9.93 -7.64 -20.13
N ASN A 110 -9.75 -7.93 -21.41
CA ASN A 110 -10.15 -9.21 -21.98
C ASN A 110 -9.09 -10.27 -21.69
N TYR A 111 -9.10 -10.78 -20.47
CA TYR A 111 -8.10 -11.74 -20.03
C TYR A 111 -8.16 -13.05 -20.81
N ASN A 112 -7.01 -13.55 -21.22
CA ASN A 112 -6.91 -14.86 -21.83
C ASN A 112 -6.95 -15.95 -20.76
N LEU A 113 -6.08 -15.81 -19.77
CA LEU A 113 -5.99 -16.77 -18.67
C LEU A 113 -6.47 -16.15 -17.36
N ILE A 114 -7.34 -16.85 -16.66
CA ILE A 114 -7.82 -16.39 -15.36
C ILE A 114 -7.60 -17.46 -14.29
N VAL A 115 -6.64 -17.21 -13.41
CA VAL A 115 -6.38 -18.12 -12.30
C VAL A 115 -7.01 -17.61 -11.01
N MET A 116 -8.11 -18.23 -10.60
CA MET A 116 -8.71 -17.92 -9.31
C MET A 116 -8.23 -18.90 -8.26
N ASP A 117 -7.69 -18.38 -7.17
CA ASP A 117 -7.26 -19.22 -6.05
C ASP A 117 -8.32 -19.21 -4.97
N GLU A 118 -8.41 -20.33 -4.24
CA GLU A 118 -9.47 -20.53 -3.24
C GLU A 118 -10.83 -20.34 -3.92
N ALA A 119 -11.14 -21.21 -4.87
CA ALA A 119 -12.34 -21.08 -5.70
C ALA A 119 -13.58 -21.61 -4.99
N HIS A 120 -13.45 -21.89 -3.70
CA HIS A 120 -14.57 -22.35 -2.89
C HIS A 120 -15.16 -21.22 -2.07
N PHE A 121 -14.47 -20.09 -2.09
CA PHE A 121 -14.86 -18.88 -1.37
C PHE A 121 -16.35 -18.59 -1.56
N THR A 122 -17.09 -18.54 -0.47
CA THR A 122 -18.54 -18.43 -0.52
C THR A 122 -19.02 -16.99 -0.56
N ASP A 123 -18.09 -16.04 -0.59
CA ASP A 123 -18.44 -14.63 -0.70
C ASP A 123 -19.27 -14.38 -1.94
N PRO A 124 -20.38 -13.65 -1.80
CA PRO A 124 -21.33 -13.39 -2.90
C PRO A 124 -20.67 -12.75 -4.12
N CYS A 125 -19.67 -11.90 -3.92
CA CYS A 125 -18.93 -11.32 -5.03
C CYS A 125 -18.05 -12.37 -5.69
N SER A 126 -17.42 -13.21 -4.88
CA SER A 126 -16.58 -14.30 -5.36
C SER A 126 -17.39 -15.30 -6.19
N VAL A 127 -18.53 -15.73 -5.65
CA VAL A 127 -19.41 -16.66 -6.34
C VAL A 127 -19.84 -16.09 -7.69
N ALA A 128 -20.17 -14.80 -7.69
CA ALA A 128 -20.53 -14.10 -8.92
C ALA A 128 -19.40 -14.13 -9.93
N ALA A 129 -18.18 -13.90 -9.45
CA ALA A 129 -16.99 -13.89 -10.31
C ALA A 129 -16.84 -15.22 -11.04
N ARG A 130 -16.96 -16.32 -10.31
CA ARG A 130 -16.88 -17.65 -10.90
C ARG A 130 -17.93 -17.84 -11.98
N GLY A 131 -19.10 -17.23 -11.78
CA GLY A 131 -20.14 -17.24 -12.78
C GLY A 131 -19.65 -16.57 -14.05
N TYR A 132 -19.06 -15.39 -13.92
CA TYR A 132 -18.52 -14.66 -15.05
C TYR A 132 -17.39 -15.44 -15.72
N ILE A 133 -16.47 -15.94 -14.91
CA ILE A 133 -15.28 -16.63 -15.43
C ILE A 133 -15.64 -17.93 -16.14
N SER A 134 -16.56 -18.70 -15.56
CA SER A 134 -17.00 -19.95 -16.19
C SER A 134 -17.67 -19.67 -17.52
N THR A 135 -18.43 -18.57 -17.57
CA THR A 135 -19.11 -18.16 -18.79
C THR A 135 -18.11 -17.72 -19.85
N ARG A 136 -17.07 -17.01 -19.43
CA ARG A 136 -16.02 -16.55 -20.34
C ARG A 136 -15.30 -17.74 -20.98
N VAL A 137 -15.15 -18.81 -20.22
CA VAL A 137 -14.56 -20.04 -20.74
C VAL A 137 -15.52 -20.73 -21.70
N GLU A 138 -16.77 -20.85 -21.28
CA GLU A 138 -17.78 -21.60 -22.03
C GLU A 138 -18.00 -21.02 -23.43
N MET A 139 -17.81 -19.71 -23.57
CA MET A 139 -17.96 -19.06 -24.86
C MET A 139 -16.67 -19.13 -25.66
N GLY A 140 -15.59 -19.53 -25.00
CA GLY A 140 -14.32 -19.77 -25.67
C GLY A 140 -13.43 -18.56 -25.85
N GLU A 141 -13.53 -17.61 -24.92
CA GLU A 141 -12.69 -16.41 -24.97
C GLU A 141 -11.59 -16.46 -23.92
N ALA A 142 -11.62 -17.48 -23.07
CA ALA A 142 -10.67 -17.52 -21.95
C ALA A 142 -10.33 -18.93 -21.49
N ALA A 143 -9.19 -19.04 -20.83
CA ALA A 143 -8.81 -20.24 -20.10
C ALA A 143 -8.85 -19.93 -18.61
N ALA A 144 -9.52 -20.77 -17.83
CA ALA A 144 -9.62 -20.52 -16.39
C ALA A 144 -9.02 -21.67 -15.59
N ILE A 145 -8.47 -21.31 -14.43
CA ILE A 145 -7.93 -22.30 -13.51
C ILE A 145 -8.45 -22.04 -12.10
N PHE A 146 -9.27 -22.95 -11.59
CA PHE A 146 -9.84 -22.81 -10.26
C PHE A 146 -9.08 -23.65 -9.23
N MET A 147 -8.22 -23.00 -8.45
CA MET A 147 -7.48 -23.68 -7.40
C MET A 147 -8.23 -23.63 -6.07
N THR A 148 -8.38 -24.79 -5.43
CA THR A 148 -8.93 -24.88 -4.08
C THR A 148 -8.78 -26.28 -3.51
N ALA A 149 -8.39 -26.35 -2.24
CA ALA A 149 -8.24 -27.64 -1.55
C ALA A 149 -9.61 -28.21 -1.19
N THR A 150 -10.62 -27.34 -1.18
CA THR A 150 -11.97 -27.74 -0.79
C THR A 150 -13.00 -27.37 -1.86
N PRO A 151 -12.95 -28.04 -3.02
CA PRO A 151 -13.86 -27.72 -4.13
C PRO A 151 -15.31 -28.01 -3.76
N PRO A 152 -16.23 -27.47 -4.53
CA PRO A 152 -17.64 -27.69 -4.30
C PRO A 152 -17.86 -29.15 -4.24
N GLY A 153 -18.47 -29.61 -3.17
CA GLY A 153 -18.68 -31.02 -2.98
C GLY A 153 -17.66 -31.68 -2.06
N SER A 154 -16.84 -30.86 -1.43
CA SER A 154 -15.86 -31.39 -0.53
C SER A 154 -16.52 -31.37 0.80
N ILE A 155 -16.47 -32.46 1.52
CA ILE A 155 -17.09 -32.47 2.81
C ILE A 155 -16.20 -32.98 3.91
N ASP A 156 -14.99 -33.38 3.60
CA ASP A 156 -14.14 -33.92 4.64
C ASP A 156 -13.40 -32.81 5.35
N PRO A 157 -13.59 -32.73 6.65
CA PRO A 157 -13.00 -31.70 7.51
C PRO A 157 -11.57 -32.04 7.93
N PHE A 158 -11.08 -33.21 7.54
CA PHE A 158 -9.75 -33.65 7.94
C PHE A 158 -8.93 -34.21 6.77
N PRO A 159 -8.70 -33.41 5.72
CA PRO A 159 -8.00 -33.96 4.55
C PRO A 159 -6.49 -34.10 4.76
N GLN A 160 -5.83 -34.72 3.78
CA GLN A 160 -4.39 -35.01 3.82
C GLN A 160 -3.54 -33.77 4.10
N SER A 161 -2.41 -33.97 4.78
CA SER A 161 -1.52 -32.87 5.13
C SER A 161 -0.05 -33.32 5.11
N ASN A 162 0.86 -32.34 5.02
CA ASN A 162 2.30 -32.62 4.97
C ASN A 162 2.79 -33.32 6.23
N SER A 163 2.21 -32.94 7.37
CA SER A 163 2.56 -33.54 8.66
C SER A 163 1.31 -34.08 9.34
N PRO A 164 1.49 -35.08 10.22
CA PRO A 164 0.34 -35.60 10.98
C PRO A 164 -0.30 -34.53 11.86
N ILE A 165 -1.61 -34.59 12.00
CA ILE A 165 -2.35 -33.64 12.83
C ILE A 165 -3.10 -34.35 13.94
N GLU A 166 -2.90 -33.92 15.17
CA GLU A 166 -3.66 -34.47 16.29
C GLU A 166 -4.98 -33.74 16.43
N ASP A 167 -6.06 -34.37 15.96
CA ASP A 167 -7.39 -33.79 16.06
C ASP A 167 -7.95 -34.02 17.46
N ILE A 168 -8.36 -32.94 18.11
CA ILE A 168 -8.80 -33.01 19.50
C ILE A 168 -10.09 -32.23 19.71
N GLU A 169 -11.10 -32.89 20.28
CA GLU A 169 -12.36 -32.21 20.56
C GLU A 169 -12.48 -31.84 22.04
N ARG A 170 -12.33 -30.57 22.30
CA ARG A 170 -12.46 -30.01 23.61
C ARG A 170 -13.48 -28.86 23.55
N GLU A 171 -14.11 -28.52 24.66
CA GLU A 171 -15.02 -27.38 24.70
C GLU A 171 -14.17 -26.14 24.64
N ILE A 172 -14.59 -25.14 23.89
CA ILE A 172 -13.84 -23.90 23.73
C ILE A 172 -14.59 -22.66 24.15
N PRO A 173 -13.97 -21.80 24.92
CA PRO A 173 -14.61 -20.59 25.43
C PRO A 173 -14.93 -19.56 24.35
N GLU A 174 -16.20 -19.18 24.25
CA GLU A 174 -16.60 -18.12 23.33
C GLU A 174 -16.28 -16.75 23.93
N ARG A 175 -16.11 -16.71 25.25
CA ARG A 175 -15.90 -15.45 25.96
C ARG A 175 -14.63 -15.46 26.80
N SER A 176 -14.47 -14.41 27.59
CA SER A 176 -13.42 -14.34 28.59
C SER A 176 -13.63 -15.47 29.58
N TRP A 177 -12.57 -15.85 30.27
CA TRP A 177 -12.65 -16.91 31.27
C TRP A 177 -11.53 -16.78 32.29
N ASN A 178 -11.62 -17.50 33.40
CA ASN A 178 -10.66 -17.35 34.48
C ASN A 178 -10.17 -18.65 35.13
N THR A 179 -10.92 -19.74 34.98
CA THR A 179 -10.42 -21.07 35.37
C THR A 179 -11.27 -22.21 34.82
N GLY A 180 -10.60 -23.31 34.48
CA GLY A 180 -11.24 -24.48 33.90
C GLY A 180 -10.59 -24.88 32.60
N PHE A 181 -10.06 -23.88 31.90
CA PHE A 181 -9.39 -24.11 30.62
C PHE A 181 -7.88 -23.94 30.75
N ASP A 182 -7.27 -24.77 31.58
CA ASP A 182 -5.83 -24.67 31.81
C ASP A 182 -5.03 -25.11 30.59
N TRP A 183 -5.59 -26.00 29.78
CA TRP A 183 -4.87 -26.56 28.64
C TRP A 183 -4.52 -25.51 27.60
N ILE A 184 -5.29 -24.44 27.54
CA ILE A 184 -5.04 -23.35 26.60
C ILE A 184 -3.71 -22.68 26.89
N THR A 185 -3.58 -22.17 28.10
CA THR A 185 -2.38 -21.45 28.52
C THR A 185 -1.16 -22.38 28.67
N ASP A 186 -1.40 -23.58 29.18
CA ASP A 186 -0.34 -24.53 29.50
C ASP A 186 0.41 -25.02 28.26
N TYR A 187 -0.20 -24.88 27.09
CA TYR A 187 0.45 -25.21 25.83
C TYR A 187 1.65 -24.28 25.57
N GLN A 188 2.82 -24.86 25.38
CA GLN A 188 4.06 -24.11 25.25
C GLN A 188 4.49 -23.96 23.78
N GLY A 189 3.52 -23.97 22.88
CA GLY A 189 3.78 -23.73 21.47
C GLY A 189 2.85 -22.65 20.93
N LYS A 190 3.04 -22.27 19.68
CA LYS A 190 2.21 -21.26 19.04
C LYS A 190 0.78 -21.77 18.82
N THR A 191 -0.19 -20.84 18.83
CA THR A 191 -1.58 -21.21 18.63
C THR A 191 -2.32 -20.19 17.75
N VAL A 192 -3.05 -20.70 16.76
CA VAL A 192 -3.92 -19.86 15.95
C VAL A 192 -5.38 -20.09 16.34
N TRP A 193 -6.03 -19.05 16.80
CA TRP A 193 -7.41 -19.15 17.29
C TRP A 193 -8.37 -18.47 16.32
N PHE A 194 -9.43 -19.19 15.94
CA PHE A 194 -10.42 -18.64 15.04
C PHE A 194 -11.71 -18.24 15.76
N VAL A 195 -11.83 -16.94 16.01
CA VAL A 195 -13.01 -16.39 16.66
C VAL A 195 -14.02 -15.91 15.61
N PRO A 196 -15.32 -15.92 15.97
CA PRO A 196 -16.33 -15.45 15.02
C PRO A 196 -16.33 -13.93 14.85
N SER A 197 -16.34 -13.21 15.97
CA SER A 197 -16.46 -11.75 15.95
C SER A 197 -15.13 -11.07 16.25
N ILE A 198 -14.99 -9.84 15.75
CA ILE A 198 -13.83 -9.02 16.10
C ILE A 198 -13.85 -8.71 17.60
N LYS A 199 -15.05 -8.52 18.13
CA LYS A 199 -15.23 -8.22 19.55
C LYS A 199 -14.93 -9.46 20.40
N ALA A 200 -15.44 -10.60 19.94
CA ALA A 200 -15.27 -11.88 20.63
C ALA A 200 -13.82 -12.26 20.60
N GLY A 201 -13.18 -11.84 19.53
CA GLY A 201 -11.75 -11.82 19.44
C GLY A 201 -11.02 -10.86 20.39
N ASN A 202 -11.62 -9.76 20.85
CA ASN A 202 -10.83 -8.91 21.74
C ASN A 202 -11.09 -9.26 23.21
N ASP A 203 -12.22 -9.87 23.53
CA ASP A 203 -12.45 -10.21 24.93
C ASP A 203 -11.62 -11.45 25.26
N ILE A 204 -11.22 -12.15 24.22
CA ILE A 204 -10.35 -13.31 24.35
C ILE A 204 -8.88 -12.89 24.36
N ALA A 205 -8.49 -12.06 23.40
CA ALA A 205 -7.10 -11.63 23.28
C ALA A 205 -6.67 -10.80 24.49
N ASN A 206 -7.56 -9.97 24.99
CA ASN A 206 -7.29 -9.15 26.17
C ASN A 206 -7.51 -9.94 27.45
N CYS A 207 -7.66 -11.25 27.31
CA CYS A 207 -7.74 -12.16 28.45
C CYS A 207 -6.52 -13.08 28.44
N LEU A 208 -6.08 -13.44 27.23
CA LEU A 208 -4.86 -14.22 27.06
C LEU A 208 -3.64 -13.46 27.58
N ARG A 209 -3.62 -12.16 27.34
CA ARG A 209 -2.50 -11.32 27.73
C ARG A 209 -2.36 -11.23 29.25
N LYS A 210 -3.47 -11.36 29.95
CA LYS A 210 -3.46 -11.35 31.42
C LYS A 210 -2.58 -12.47 31.96
N SER A 211 -2.47 -13.54 31.20
CA SER A 211 -1.60 -14.66 31.57
C SER A 211 -0.20 -14.50 30.95
N GLY A 212 0.17 -13.26 30.68
CA GLY A 212 1.49 -12.94 30.16
C GLY A 212 1.76 -13.46 28.76
N LYS A 213 0.70 -13.61 27.97
CA LYS A 213 0.87 -14.13 26.62
C LYS A 213 0.96 -13.01 25.59
N ARG A 214 1.87 -13.17 24.63
CA ARG A 214 1.95 -12.27 23.48
C ARG A 214 0.85 -12.62 22.48
N VAL A 215 -0.09 -11.70 22.29
CA VAL A 215 -1.23 -11.98 21.43
C VAL A 215 -1.40 -10.98 20.29
N ILE A 216 -1.12 -11.43 19.08
CA ILE A 216 -1.41 -10.66 17.87
C ILE A 216 -2.88 -10.86 17.47
N GLN A 217 -3.55 -9.77 17.16
CA GLN A 217 -4.92 -9.85 16.65
C GLN A 217 -4.96 -9.55 15.15
N LEU A 218 -5.71 -10.37 14.42
CA LEU A 218 -5.77 -10.25 12.97
C LEU A 218 -7.20 -10.17 12.46
N SER A 219 -7.48 -9.12 11.68
CA SER A 219 -8.78 -8.95 11.04
C SER A 219 -8.67 -7.92 9.91
N ARG A 220 -9.75 -7.56 9.28
CA ARG A 220 -9.67 -6.58 8.21
C ARG A 220 -9.17 -5.22 8.67
N LYS A 221 -9.54 -4.82 9.86
CA LYS A 221 -9.08 -3.57 10.43
C LYS A 221 -7.61 -3.50 10.79
N THR A 222 -7.08 -4.59 11.29
CA THR A 222 -5.70 -4.63 11.71
C THR A 222 -4.78 -5.49 10.89
N PHE A 223 -5.11 -5.72 9.63
CA PHE A 223 -4.28 -6.58 8.80
C PHE A 223 -2.94 -5.94 8.45
N ASP A 224 -3.00 -4.69 7.99
CA ASP A 224 -1.84 -4.00 7.45
C ASP A 224 -0.71 -3.84 8.46
N THR A 225 -1.05 -3.72 9.73
CA THR A 225 -0.06 -3.44 10.75
C THR A 225 0.29 -4.66 11.60
N GLU A 226 -0.54 -5.70 11.56
CA GLU A 226 -0.35 -6.85 12.44
C GLU A 226 0.01 -8.14 11.70
N TYR A 227 -0.30 -8.22 10.42
CA TYR A 227 0.02 -9.44 9.66
C TYR A 227 1.53 -9.61 9.42
N PRO A 228 2.24 -8.52 9.04
CA PRO A 228 3.69 -8.70 8.96
C PRO A 228 4.32 -9.00 10.32
N LYS A 229 3.63 -8.64 11.39
CA LYS A 229 4.08 -8.97 12.74
C LYS A 229 4.01 -10.47 13.00
N THR A 230 3.13 -11.16 12.31
CA THR A 230 3.03 -12.58 12.48
C THR A 230 4.27 -13.30 12.01
N LYS A 231 4.80 -12.84 10.91
CA LYS A 231 5.90 -13.45 10.22
C LYS A 231 7.25 -13.27 10.85
N LEU A 232 7.79 -12.06 10.86
CA LEU A 232 9.05 -11.90 11.54
C LEU A 232 8.89 -11.13 12.83
N THR A 233 8.54 -11.90 13.84
CA THR A 233 8.32 -11.56 15.24
C THR A 233 7.93 -12.87 15.88
N ASP A 234 8.27 -13.08 17.14
CA ASP A 234 7.87 -14.33 17.74
C ASP A 234 6.74 -14.02 18.68
N TRP A 235 5.67 -14.80 18.61
CA TRP A 235 4.44 -14.54 19.39
C TRP A 235 3.88 -15.77 20.04
N ASP A 236 2.92 -15.60 20.95
CA ASP A 236 2.33 -16.77 21.59
C ASP A 236 1.06 -17.18 20.87
N PHE A 237 0.12 -16.25 20.78
CA PHE A 237 -1.18 -16.53 20.19
C PHE A 237 -1.48 -15.62 19.00
N VAL A 238 -2.24 -16.16 18.05
CA VAL A 238 -2.84 -15.34 17.02
C VAL A 238 -4.35 -15.54 17.04
N VAL A 239 -5.07 -14.49 17.41
CA VAL A 239 -6.53 -14.50 17.40
C VAL A 239 -7.02 -13.86 16.10
N THR A 240 -7.80 -14.61 15.32
CA THR A 240 -8.16 -14.16 13.99
C THR A 240 -9.63 -14.40 13.66
N THR A 241 -10.18 -13.51 12.83
CA THR A 241 -11.41 -13.80 12.11
C THR A 241 -11.07 -14.81 11.02
N ASP A 242 -12.01 -15.17 10.16
CA ASP A 242 -11.65 -16.07 9.08
C ASP A 242 -11.07 -15.31 7.89
N ILE A 243 -10.29 -14.28 8.18
CA ILE A 243 -9.52 -13.58 7.17
C ILE A 243 -8.27 -14.42 6.88
N SER A 244 -7.94 -15.29 7.83
CA SER A 244 -6.80 -16.18 7.71
C SER A 244 -7.25 -17.62 7.52
N GLU A 245 -8.54 -17.81 7.29
CA GLU A 245 -9.09 -19.15 7.07
C GLU A 245 -8.40 -19.84 5.91
N MET A 246 -8.06 -19.06 4.89
CA MET A 246 -7.41 -19.59 3.70
C MET A 246 -6.06 -18.95 3.47
N GLY A 247 -5.05 -19.77 3.18
CA GLY A 247 -3.79 -19.28 2.66
C GLY A 247 -2.64 -19.07 3.63
N ALA A 248 -2.92 -18.45 4.77
CA ALA A 248 -1.88 -17.98 5.69
C ALA A 248 -0.92 -19.07 6.15
N ASN A 249 0.38 -18.76 6.10
CA ASN A 249 1.42 -19.64 6.61
C ASN A 249 1.99 -19.11 7.90
N PHE A 250 1.42 -19.55 9.03
CA PHE A 250 1.73 -18.99 10.33
C PHE A 250 2.94 -19.63 11.02
N ARG A 251 3.29 -20.83 10.58
CA ARG A 251 4.34 -21.62 11.23
C ARG A 251 4.02 -21.82 12.70
N ALA A 252 2.76 -22.08 13.00
CA ALA A 252 2.31 -22.26 14.37
C ALA A 252 2.36 -23.73 14.77
N GLY A 253 1.86 -24.02 15.98
CA GLY A 253 1.90 -25.38 16.49
C GLY A 253 0.53 -25.99 16.71
N ARG A 254 -0.50 -25.15 16.80
CA ARG A 254 -1.85 -25.62 17.10
C ARG A 254 -2.93 -24.68 16.58
N VAL A 255 -4.05 -25.24 16.15
CA VAL A 255 -5.21 -24.45 15.77
C VAL A 255 -6.39 -24.73 16.70
N ILE A 256 -6.86 -23.68 17.36
CA ILE A 256 -8.08 -23.75 18.15
C ILE A 256 -9.24 -23.28 17.29
N ASP A 257 -10.30 -24.07 17.22
CA ASP A 257 -11.37 -23.81 16.26
C ASP A 257 -12.75 -24.21 16.79
N PRO A 258 -13.49 -23.24 17.34
CA PRO A 258 -14.85 -23.48 17.85
C PRO A 258 -15.83 -23.85 16.74
N ARG A 259 -15.43 -23.62 15.49
CA ARG A 259 -16.25 -23.95 14.33
C ARG A 259 -17.63 -23.30 14.38
N ARG A 260 -17.68 -22.03 14.74
CA ARG A 260 -18.95 -21.33 14.82
C ARG A 260 -18.87 -19.96 14.15
N CYS A 261 -20.02 -19.47 13.68
CA CYS A 261 -20.10 -18.18 13.02
C CYS A 261 -21.55 -17.75 12.87
N LEU A 262 -21.75 -16.47 12.63
CA LEU A 262 -23.07 -15.98 12.25
C LEU A 262 -23.15 -16.02 10.72
N LYS A 263 -24.36 -16.07 10.19
CA LYS A 263 -24.55 -16.03 8.75
C LYS A 263 -25.83 -15.29 8.37
N PRO A 264 -25.74 -14.43 7.36
CA PRO A 264 -26.92 -13.72 6.84
C PRO A 264 -27.91 -14.68 6.20
N VAL A 265 -29.18 -14.53 6.57
CA VAL A 265 -30.23 -15.40 6.04
C VAL A 265 -31.44 -14.58 5.60
N ILE A 266 -31.87 -14.78 4.36
CA ILE A 266 -33.08 -14.13 3.85
C ILE A 266 -34.31 -14.90 4.32
N LEU A 267 -35.25 -14.18 4.94
CA LEU A 267 -36.49 -14.79 5.37
C LEU A 267 -37.58 -14.62 4.33
N THR A 268 -38.17 -15.73 3.91
CA THR A 268 -39.31 -15.73 3.01
C THR A 268 -40.57 -15.66 3.86
N ASP A 269 -40.38 -15.81 5.17
CA ASP A 269 -41.44 -16.13 6.10
C ASP A 269 -42.13 -14.88 6.64
N GLY A 270 -43.12 -14.41 5.91
CA GLY A 270 -43.70 -13.10 6.15
C GLY A 270 -43.12 -12.17 5.11
N PRO A 271 -43.11 -10.86 5.40
CA PRO A 271 -42.40 -9.95 4.51
C PRO A 271 -40.90 -10.29 4.47
N GLU A 272 -40.28 -10.14 3.31
CA GLU A 272 -38.89 -10.54 3.13
C GLU A 272 -37.93 -9.63 3.90
N ARG A 273 -37.02 -10.23 4.66
CA ARG A 273 -36.04 -9.49 5.44
C ARG A 273 -34.82 -10.36 5.75
N VAL A 274 -33.67 -9.72 5.96
CA VAL A 274 -32.43 -10.43 6.25
C VAL A 274 -32.10 -10.37 7.74
N ILE A 275 -31.80 -11.54 8.31
CA ILE A 275 -31.41 -11.64 9.70
C ILE A 275 -29.95 -12.04 9.81
N LEU A 276 -29.44 -12.11 11.04
CA LEU A 276 -28.13 -12.70 11.29
C LEU A 276 -28.28 -13.94 12.15
N ALA A 277 -28.58 -15.05 11.48
CA ALA A 277 -28.80 -16.32 12.16
C ALA A 277 -27.54 -16.81 12.84
N GLY A 278 -27.68 -17.83 13.68
CA GLY A 278 -26.53 -18.37 14.38
C GLY A 278 -26.46 -17.92 15.83
N PRO A 279 -25.30 -18.13 16.48
CA PRO A 279 -24.08 -18.76 15.97
C PRO A 279 -24.26 -20.23 15.59
N ILE A 280 -23.79 -20.58 14.40
CA ILE A 280 -23.99 -21.92 13.85
C ILE A 280 -22.66 -22.50 13.37
N PRO A 281 -22.57 -23.83 13.27
CA PRO A 281 -21.35 -24.47 12.75
C PRO A 281 -20.96 -23.98 11.37
N VAL A 282 -19.65 -23.90 11.12
CA VAL A 282 -19.15 -23.56 9.79
C VAL A 282 -19.31 -24.75 8.87
N THR A 283 -18.91 -24.59 7.61
CA THR A 283 -19.03 -25.67 6.64
C THR A 283 -17.81 -26.57 6.68
N PRO A 284 -17.97 -27.83 6.21
CA PRO A 284 -16.86 -28.78 6.06
C PRO A 284 -15.62 -28.16 5.40
N ALA A 285 -15.84 -27.29 4.43
CA ALA A 285 -14.74 -26.59 3.76
C ALA A 285 -13.98 -25.71 4.74
N SER A 286 -14.71 -24.86 5.45
CA SER A 286 -14.11 -23.89 6.37
C SER A 286 -13.28 -24.56 7.46
N ALA A 287 -13.85 -25.55 8.13
CA ALA A 287 -13.18 -26.25 9.22
C ALA A 287 -11.89 -26.91 8.74
N ALA A 288 -11.92 -27.44 7.52
CA ALA A 288 -10.75 -28.06 6.92
C ALA A 288 -9.67 -27.02 6.62
N GLN A 289 -10.09 -25.79 6.35
CA GLN A 289 -9.18 -24.72 5.95
C GLN A 289 -8.59 -24.00 7.18
N ARG A 290 -9.31 -24.06 8.28
CA ARG A 290 -8.78 -23.57 9.55
C ARG A 290 -7.78 -24.58 10.09
N ARG A 291 -8.13 -25.86 9.93
CA ARG A 291 -7.27 -26.96 10.30
C ARG A 291 -6.01 -26.98 9.43
N GLY A 292 -6.16 -26.53 8.18
CA GLY A 292 -5.06 -26.53 7.23
C GLY A 292 -3.93 -25.56 7.56
N ARG A 293 -4.19 -24.63 8.48
CA ARG A 293 -3.21 -23.62 8.83
C ARG A 293 -2.02 -24.22 9.58
N ILE A 294 -2.17 -25.48 10.00
CA ILE A 294 -1.07 -26.20 10.62
C ILE A 294 -0.89 -27.58 9.99
N GLY A 295 0.13 -28.31 10.43
CA GLY A 295 0.45 -29.60 9.85
C GLY A 295 1.10 -29.44 8.49
N ARG A 296 1.68 -28.26 8.26
CA ARG A 296 2.24 -27.93 6.96
C ARG A 296 3.73 -28.23 6.89
N ASN A 297 4.40 -28.19 8.04
CA ASN A 297 5.84 -28.42 8.10
C ASN A 297 6.19 -29.88 8.37
N PRO A 298 6.83 -30.54 7.39
CA PRO A 298 7.21 -31.96 7.49
C PRO A 298 8.24 -32.24 8.58
N ALA A 299 8.88 -31.20 9.11
CA ALA A 299 9.86 -31.37 10.17
C ALA A 299 9.22 -31.18 11.54
N GLN A 300 7.94 -30.82 11.54
CA GLN A 300 7.20 -30.58 12.77
C GLN A 300 5.94 -31.45 12.79
N GLU A 301 5.98 -32.53 13.55
CA GLU A 301 4.97 -33.59 13.45
C GLU A 301 4.01 -33.66 14.63
N ASP A 302 4.07 -32.70 15.55
CA ASP A 302 3.17 -32.71 16.70
C ASP A 302 2.24 -31.50 16.71
N ASP A 303 1.81 -31.08 15.52
CA ASP A 303 0.81 -30.02 15.41
C ASP A 303 -0.53 -30.53 15.92
N GLN A 304 -1.31 -29.64 16.53
CA GLN A 304 -2.61 -30.02 17.06
C GLN A 304 -3.74 -29.22 16.41
N TYR A 305 -4.94 -29.76 16.50
CA TYR A 305 -6.14 -29.09 15.99
C TYR A 305 -7.31 -29.27 16.95
N VAL A 306 -7.37 -28.41 17.96
CA VAL A 306 -8.46 -28.46 18.92
C VAL A 306 -9.71 -27.83 18.32
N PHE A 307 -10.82 -28.56 18.34
CA PHE A 307 -12.07 -28.07 17.75
C PHE A 307 -13.29 -28.42 18.59
N SER A 308 -14.45 -27.95 18.15
CA SER A 308 -15.70 -28.13 18.91
C SER A 308 -16.90 -28.40 18.01
N GLY A 309 -17.44 -29.61 18.09
CA GLY A 309 -18.68 -29.95 17.42
C GLY A 309 -18.55 -30.24 15.94
N ASP A 310 -19.62 -30.81 15.37
CA ASP A 310 -19.67 -31.11 13.95
C ASP A 310 -19.96 -29.85 13.15
N PRO A 311 -19.45 -29.80 11.91
CA PRO A 311 -19.81 -28.72 10.97
C PRO A 311 -21.14 -29.03 10.30
N LEU A 312 -21.78 -28.03 9.70
CA LEU A 312 -23.03 -28.26 9.00
C LEU A 312 -22.89 -27.95 7.52
N LYS A 313 -23.11 -28.97 6.70
CA LYS A 313 -22.92 -28.88 5.25
C LYS A 313 -23.99 -28.02 4.58
N ASN A 314 -25.17 -27.97 5.20
CA ASN A 314 -26.33 -27.31 4.60
C ASN A 314 -26.28 -25.78 4.76
N ASP A 315 -26.10 -25.08 3.65
CA ASP A 315 -25.99 -23.62 3.69
C ASP A 315 -26.89 -22.93 2.66
N GLU A 316 -28.05 -23.51 2.40
CA GLU A 316 -28.94 -22.99 1.36
C GLU A 316 -29.82 -21.85 1.85
N ASP A 317 -30.00 -21.75 3.16
CA ASP A 317 -30.75 -20.65 3.74
C ASP A 317 -29.89 -19.38 3.75
N HIS A 318 -28.60 -19.55 3.51
CA HIS A 318 -27.65 -18.45 3.52
C HIS A 318 -27.95 -17.48 2.37
N ALA A 319 -27.82 -16.19 2.65
CA ALA A 319 -28.18 -15.14 1.72
C ALA A 319 -27.15 -14.92 0.61
N HIS A 320 -25.95 -15.46 0.76
CA HIS A 320 -24.92 -15.20 -0.24
C HIS A 320 -25.20 -15.92 -1.55
N TRP A 321 -26.05 -16.94 -1.50
CA TRP A 321 -26.45 -17.65 -2.72
C TRP A 321 -27.40 -16.80 -3.54
N THR A 322 -28.30 -16.10 -2.86
CA THR A 322 -29.23 -15.20 -3.54
C THR A 322 -28.53 -13.92 -3.95
N GLU A 323 -27.68 -13.40 -3.07
CA GLU A 323 -26.94 -12.17 -3.32
C GLU A 323 -25.97 -12.31 -4.49
N ALA A 324 -25.50 -13.53 -4.73
CA ALA A 324 -24.56 -13.78 -5.82
C ALA A 324 -25.25 -13.66 -7.17
N LYS A 325 -26.47 -14.18 -7.26
CA LYS A 325 -27.27 -14.03 -8.47
C LYS A 325 -27.63 -12.56 -8.68
N MET A 326 -27.85 -11.86 -7.57
CA MET A 326 -28.18 -10.43 -7.63
C MET A 326 -27.07 -9.63 -8.27
N LEU A 327 -25.83 -9.97 -7.94
CA LEU A 327 -24.67 -9.32 -8.53
C LEU A 327 -24.48 -9.74 -9.98
N LEU A 328 -24.47 -11.05 -10.19
CA LEU A 328 -24.16 -11.64 -11.50
C LEU A 328 -25.16 -11.23 -12.58
N ASP A 329 -26.42 -11.06 -12.20
CA ASP A 329 -27.46 -10.68 -13.15
C ASP A 329 -27.26 -9.28 -13.71
N ASN A 330 -26.40 -8.50 -13.06
CA ASN A 330 -26.13 -7.14 -13.51
C ASN A 330 -24.72 -7.02 -14.09
N ILE A 331 -24.22 -8.13 -14.63
CA ILE A 331 -22.93 -8.16 -15.30
C ILE A 331 -23.13 -8.68 -16.72
N TYR A 332 -22.35 -8.18 -17.67
CA TYR A 332 -22.49 -8.61 -19.05
C TYR A 332 -21.17 -8.91 -19.75
N THR A 333 -21.19 -9.90 -20.63
CA THR A 333 -20.10 -10.14 -21.55
C THR A 333 -20.16 -9.06 -22.64
N PRO A 334 -19.03 -8.78 -23.31
CA PRO A 334 -19.08 -7.84 -24.43
C PRO A 334 -20.08 -8.29 -25.50
N GLU A 335 -20.20 -9.60 -25.66
CA GLU A 335 -21.07 -10.20 -26.66
C GLU A 335 -22.54 -10.19 -26.22
N GLY A 336 -22.79 -9.69 -25.02
CA GLY A 336 -24.15 -9.49 -24.55
C GLY A 336 -24.73 -10.57 -23.67
N ILE A 337 -24.19 -11.78 -23.78
CA ILE A 337 -24.74 -12.94 -23.06
C ILE A 337 -24.69 -12.77 -21.55
N ILE A 338 -25.78 -13.14 -20.89
CA ILE A 338 -25.87 -13.07 -19.44
C ILE A 338 -25.11 -14.23 -18.79
N PRO A 339 -24.15 -13.92 -17.92
CA PRO A 339 -23.37 -14.96 -17.24
C PRO A 339 -24.23 -15.83 -16.35
N THR A 340 -24.11 -17.14 -16.51
CA THR A 340 -24.77 -18.09 -15.61
C THR A 340 -23.76 -18.58 -14.60
N LEU A 341 -24.26 -18.91 -13.40
CA LEU A 341 -23.40 -19.38 -12.31
C LEU A 341 -22.54 -20.57 -12.71
N PHE A 342 -21.40 -20.66 -12.06
CA PHE A 342 -20.49 -21.77 -12.27
C PHE A 342 -21.36 -22.99 -12.06
N GLY A 343 -21.18 -24.02 -12.87
CA GLY A 343 -22.10 -25.12 -12.83
C GLY A 343 -22.33 -25.82 -11.52
N PRO A 344 -21.28 -26.03 -10.76
CA PRO A 344 -21.36 -26.63 -9.46
C PRO A 344 -22.13 -25.87 -8.43
N GLU A 345 -22.19 -24.57 -8.56
CA GLU A 345 -22.90 -23.73 -7.67
C GLU A 345 -24.27 -23.40 -8.25
N ARG A 346 -24.71 -24.08 -9.30
CA ARG A 346 -26.03 -23.79 -9.86
C ARG A 346 -27.12 -24.50 -9.06
N GLU A 347 -28.25 -23.81 -8.91
CA GLU A 347 -29.38 -24.29 -8.12
C GLU A 347 -29.01 -24.49 -6.65
N LYS A 348 -28.43 -23.46 -6.04
CA LYS A 348 -28.24 -23.42 -4.59
C LYS A 348 -29.46 -22.78 -3.96
N THR A 349 -30.19 -22.08 -4.84
CA THR A 349 -31.48 -21.42 -4.56
C THR A 349 -32.31 -21.20 -5.84
N GLN A 350 -33.62 -20.93 -5.64
CA GLN A 350 -34.61 -20.73 -6.69
C GLN A 350 -34.09 -19.61 -7.43
N ALA A 351 -33.97 -19.76 -8.72
CA ALA A 351 -33.49 -18.65 -9.45
C ALA A 351 -34.03 -18.72 -10.80
N ILE A 352 -34.30 -17.57 -11.34
CA ILE A 352 -34.70 -17.48 -12.71
C ILE A 352 -33.64 -16.60 -13.30
N ASP A 353 -33.09 -16.98 -14.43
CA ASP A 353 -32.06 -16.14 -14.97
C ASP A 353 -32.66 -14.80 -15.34
N GLY A 354 -31.95 -13.77 -14.94
CA GLY A 354 -32.39 -12.44 -15.14
C GLY A 354 -33.41 -12.06 -14.11
N GLU A 355 -33.68 -12.86 -13.11
CA GLU A 355 -34.67 -12.34 -12.23
C GLU A 355 -34.26 -11.02 -11.66
N PHE A 356 -32.99 -10.86 -11.35
CA PHE A 356 -32.51 -9.66 -10.72
C PHE A 356 -31.91 -8.60 -11.63
N ARG A 357 -31.98 -8.76 -12.94
CA ARG A 357 -31.46 -7.78 -13.89
C ARG A 357 -32.16 -6.44 -13.72
N LEU A 358 -31.38 -5.37 -13.60
CA LEU A 358 -31.94 -4.04 -13.38
C LEU A 358 -31.88 -3.21 -14.66
N ARG A 359 -32.54 -2.08 -14.68
CA ARG A 359 -32.51 -1.31 -15.87
C ARG A 359 -31.89 0.03 -15.82
N GLY A 360 -30.83 0.24 -16.57
CA GLY A 360 -30.27 1.55 -16.68
C GLY A 360 -29.91 2.26 -15.43
N GLU A 361 -30.77 3.20 -15.08
CA GLU A 361 -30.63 4.07 -13.94
C GLU A 361 -30.57 3.30 -12.65
N GLN A 362 -31.35 2.25 -12.54
CA GLN A 362 -31.36 1.39 -11.39
C GLN A 362 -30.08 0.62 -11.16
N ARG A 363 -29.45 0.17 -12.22
CA ARG A 363 -28.26 -0.66 -12.09
C ARG A 363 -27.12 0.12 -11.43
N LYS A 364 -26.95 1.37 -11.84
CA LYS A 364 -25.87 2.19 -11.30
C LYS A 364 -26.12 2.52 -9.84
N THR A 365 -27.37 2.81 -9.50
CA THR A 365 -27.76 3.10 -8.13
C THR A 365 -27.52 1.89 -7.23
N PHE A 366 -27.81 0.71 -7.76
CA PHE A 366 -27.56 -0.55 -7.06
C PHE A 366 -26.08 -0.73 -6.75
N VAL A 367 -25.24 -0.46 -7.76
CA VAL A 367 -23.80 -0.49 -7.57
C VAL A 367 -23.35 0.64 -6.66
N GLU A 368 -23.93 1.81 -6.86
CA GLU A 368 -23.60 3.00 -6.08
C GLU A 368 -23.88 2.78 -4.59
N LEU A 369 -24.99 2.12 -4.29
CA LEU A 369 -25.38 1.86 -2.91
C LEU A 369 -24.39 0.95 -2.19
N MET A 370 -23.93 -0.09 -2.88
CA MET A 370 -22.97 -1.02 -2.30
C MET A 370 -21.63 -0.36 -2.02
N ARG A 371 -21.26 0.59 -2.87
CA ARG A 371 -19.96 1.25 -2.77
C ARG A 371 -20.03 2.51 -1.92
N ARG A 372 -20.87 3.46 -2.33
CA ARG A 372 -20.96 4.75 -1.65
C ARG A 372 -21.72 4.67 -0.32
N GLY A 373 -22.52 3.63 -0.14
CA GLY A 373 -23.35 3.51 1.04
C GLY A 373 -22.98 2.38 1.99
N ASP A 374 -22.09 1.50 1.54
CA ASP A 374 -21.64 0.35 2.31
C ASP A 374 -22.80 -0.57 2.72
N LEU A 375 -23.89 -0.51 1.97
CA LEU A 375 -25.05 -1.35 2.24
C LEU A 375 -24.86 -2.73 1.62
N PRO A 376 -25.35 -3.78 2.30
CA PRO A 376 -25.23 -5.15 1.82
C PRO A 376 -25.87 -5.35 0.44
N VAL A 377 -25.55 -6.45 -0.22
CA VAL A 377 -26.07 -6.71 -1.56
C VAL A 377 -27.60 -6.76 -1.57
N TRP A 378 -28.18 -7.44 -0.59
CA TRP A 378 -29.63 -7.58 -0.51
C TRP A 378 -30.33 -6.24 -0.34
N LEU A 379 -29.90 -5.48 0.65
CA LEU A 379 -30.53 -4.19 0.95
C LEU A 379 -30.39 -3.22 -0.22
N SER A 380 -29.24 -3.27 -0.89
CA SER A 380 -28.99 -2.42 -2.05
C SER A 380 -29.95 -2.72 -3.18
N TYR A 381 -30.13 -4.01 -3.49
CA TYR A 381 -31.01 -4.40 -4.58
C TYR A 381 -32.46 -4.00 -4.30
N LYS A 382 -32.95 -4.35 -3.12
CA LYS A 382 -34.33 -4.04 -2.74
C LYS A 382 -34.62 -2.55 -2.87
N VAL A 383 -33.72 -1.72 -2.36
CA VAL A 383 -33.87 -0.28 -2.44
C VAL A 383 -33.79 0.20 -3.89
N ALA A 384 -32.77 -0.25 -4.61
CA ALA A 384 -32.54 0.21 -5.98
C ALA A 384 -33.65 -0.25 -6.93
N SER A 385 -34.12 -1.48 -6.77
CA SER A 385 -35.14 -2.03 -7.66
C SER A 385 -36.49 -1.37 -7.42
N ALA A 386 -36.62 -0.68 -6.30
CA ALA A 386 -37.85 0.05 -6.00
C ALA A 386 -37.89 1.38 -6.75
N GLY A 387 -36.83 1.64 -7.52
CA GLY A 387 -36.74 2.86 -8.32
C GLY A 387 -36.33 4.07 -7.51
N ILE A 388 -35.55 3.83 -6.46
CA ILE A 388 -35.14 4.90 -5.55
C ILE A 388 -33.78 5.48 -5.91
N SER A 389 -33.71 6.80 -6.01
CA SER A 389 -32.44 7.49 -6.21
C SER A 389 -31.50 7.23 -5.04
N TYR A 390 -30.20 7.25 -5.30
CA TYR A 390 -29.22 6.93 -4.27
C TYR A 390 -29.27 7.89 -3.08
N LYS A 391 -29.55 9.16 -3.35
CA LYS A 391 -29.55 10.17 -2.30
C LYS A 391 -30.89 10.22 -1.56
N ASP A 392 -31.91 9.62 -2.17
CA ASP A 392 -33.25 9.61 -1.60
C ASP A 392 -33.32 8.71 -0.37
N ARG A 393 -33.22 9.31 0.81
CA ARG A 393 -33.20 8.56 2.06
C ARG A 393 -34.57 8.44 2.69
N GLU A 394 -35.61 8.74 1.92
CA GLU A 394 -36.97 8.70 2.42
C GLU A 394 -37.36 7.31 2.90
N TRP A 395 -36.80 6.29 2.25
CA TRP A 395 -37.14 4.90 2.56
C TRP A 395 -36.63 4.45 3.92
N CYS A 396 -35.70 5.21 4.49
CA CYS A 396 -35.15 4.88 5.80
C CYS A 396 -36.13 5.19 6.93
N PHE A 397 -37.31 5.70 6.57
CA PHE A 397 -38.27 6.16 7.56
C PHE A 397 -39.71 5.72 7.27
N THR A 398 -40.01 5.46 6.00
CA THR A 398 -41.39 5.18 5.60
C THR A 398 -41.78 3.71 5.75
N GLY A 399 -40.97 2.94 6.48
CA GLY A 399 -41.29 1.55 6.76
C GLY A 399 -42.39 1.44 7.78
N GLU A 400 -42.98 0.25 7.88
CA GLU A 400 -44.07 0.01 8.83
C GLU A 400 -43.60 0.07 10.28
N ARG A 401 -44.54 -0.04 11.21
CA ARG A 401 -44.27 0.15 12.63
C ARG A 401 -43.30 -0.86 13.22
N ASN A 402 -43.25 -2.05 12.63
CA ASN A 402 -42.37 -3.10 13.12
C ASN A 402 -40.93 -2.94 12.66
N ASN A 403 -40.72 -2.08 11.67
CA ASN A 403 -39.39 -1.84 11.15
C ASN A 403 -38.65 -0.77 11.95
N GLN A 404 -39.24 -0.33 13.05
CA GLN A 404 -38.59 0.59 13.97
C GLN A 404 -37.34 -0.07 14.56
N ILE A 405 -36.20 0.59 14.41
CA ILE A 405 -34.95 0.07 14.94
C ILE A 405 -34.76 0.50 16.40
N LEU A 406 -34.33 -0.44 17.24
CA LEU A 406 -34.08 -0.16 18.64
C LEU A 406 -32.60 -0.22 18.96
N GLU A 407 -32.16 0.66 19.86
CA GLU A 407 -30.79 0.63 20.36
C GLU A 407 -30.82 0.94 21.85
N GLU A 408 -30.33 0.00 22.64
CA GLU A 408 -30.39 0.08 24.10
C GLU A 408 -31.83 0.29 24.55
N ASN A 409 -32.75 -0.51 23.99
CA ASN A 409 -34.16 -0.54 24.36
C ASN A 409 -34.94 0.73 24.03
N MET A 410 -34.31 1.66 23.31
CA MET A 410 -34.96 2.92 22.98
C MET A 410 -35.07 3.13 21.47
N GLU A 411 -36.18 3.74 21.04
CA GLU A 411 -36.41 3.99 19.63
C GLU A 411 -35.39 4.97 19.05
N VAL A 412 -34.70 4.54 18.01
CA VAL A 412 -33.66 5.34 17.38
C VAL A 412 -34.24 6.57 16.67
N GLU A 413 -33.76 7.75 17.05
CA GLU A 413 -34.10 8.98 16.35
C GLU A 413 -32.96 9.36 15.42
N ILE A 414 -33.28 9.97 14.29
CA ILE A 414 -32.23 10.45 13.40
C ILE A 414 -32.47 11.90 12.99
N TRP A 415 -31.57 12.77 13.45
CA TRP A 415 -31.56 14.16 13.02
C TRP A 415 -30.95 14.24 11.63
N THR A 416 -31.77 14.62 10.67
CA THR A 416 -31.36 14.58 9.26
C THR A 416 -30.40 15.71 8.91
N ARG A 417 -30.06 15.78 7.63
CA ARG A 417 -29.11 16.75 7.12
C ARG A 417 -29.72 18.15 7.09
N GLU A 418 -30.96 18.24 6.64
CA GLU A 418 -31.70 19.50 6.69
C GLU A 418 -32.26 19.74 8.09
N GLY A 419 -32.10 18.74 8.96
CA GLY A 419 -32.30 18.93 10.38
C GLY A 419 -33.62 18.52 10.99
N GLU A 420 -34.37 17.65 10.33
CA GLU A 420 -35.60 17.13 10.92
C GLU A 420 -35.30 16.01 11.89
N LYS A 421 -36.24 15.76 12.80
CA LYS A 421 -36.10 14.64 13.74
C LYS A 421 -37.07 13.54 13.37
N LYS A 422 -36.58 12.55 12.63
CA LYS A 422 -37.40 11.43 12.18
C LYS A 422 -36.92 10.11 12.76
N LYS A 423 -37.85 9.23 13.09
CA LYS A 423 -37.52 7.94 13.69
C LYS A 423 -36.99 6.96 12.65
N LEU A 424 -35.85 6.33 12.96
CA LEU A 424 -35.24 5.37 12.06
C LEU A 424 -36.12 4.14 11.89
N ARG A 425 -36.59 3.94 10.67
CA ARG A 425 -37.59 2.92 10.38
C ARG A 425 -37.53 2.53 8.90
N PRO A 426 -36.52 1.74 8.52
CA PRO A 426 -36.27 1.41 7.11
C PRO A 426 -37.41 0.62 6.48
N LYS A 427 -37.64 0.82 5.19
CA LYS A 427 -38.70 0.12 4.49
C LYS A 427 -38.34 -1.36 4.32
N TRP A 428 -37.04 -1.65 4.36
CA TRP A 428 -36.54 -3.01 4.31
C TRP A 428 -35.60 -3.28 5.48
N LEU A 429 -35.72 -4.46 6.08
CA LEU A 429 -34.88 -4.83 7.22
C LEU A 429 -33.73 -5.74 6.84
N ASP A 430 -32.52 -5.25 7.09
CA ASP A 430 -31.32 -6.07 6.96
C ASP A 430 -30.54 -5.97 8.27
N ALA A 431 -30.44 -7.08 9.00
CA ALA A 431 -29.85 -7.06 10.32
C ALA A 431 -28.38 -6.64 10.31
N ARG A 432 -27.72 -6.80 9.17
CA ARG A 432 -26.30 -6.49 9.07
C ARG A 432 -26.00 -5.00 9.27
N VAL A 433 -26.99 -4.15 9.07
CA VAL A 433 -26.78 -2.71 9.23
C VAL A 433 -27.27 -2.18 10.57
N TYR A 434 -27.70 -3.06 11.47
CA TYR A 434 -28.09 -2.59 12.80
C TYR A 434 -27.80 -3.58 13.92
N ALA A 435 -27.28 -4.76 13.59
CA ALA A 435 -26.94 -5.74 14.63
C ALA A 435 -25.78 -5.23 15.47
N ASP A 436 -24.60 -5.17 14.88
CA ASP A 436 -23.43 -4.60 15.54
C ASP A 436 -23.61 -3.11 15.73
N PRO A 437 -23.31 -2.60 16.93
CA PRO A 437 -23.49 -1.19 17.30
C PRO A 437 -22.81 -0.22 16.34
N MET A 438 -21.61 -0.54 15.87
CA MET A 438 -20.89 0.34 14.97
C MET A 438 -21.46 0.27 13.56
N ALA A 439 -22.06 -0.87 13.22
CA ALA A 439 -22.74 -1.01 11.94
C ALA A 439 -23.99 -0.14 11.93
N LEU A 440 -24.60 0.02 13.10
CA LEU A 440 -25.78 0.86 13.26
C LEU A 440 -25.39 2.33 13.26
N LYS A 441 -24.21 2.63 13.77
CA LYS A 441 -23.70 4.00 13.73
C LYS A 441 -23.53 4.46 12.29
N ASP A 442 -22.97 3.58 11.47
CA ASP A 442 -22.82 3.85 10.04
C ASP A 442 -24.17 4.05 9.36
N PHE A 443 -25.14 3.24 9.77
CA PHE A 443 -26.47 3.29 9.17
C PHE A 443 -27.23 4.53 9.61
N LYS A 444 -26.92 4.99 10.82
CA LYS A 444 -27.48 6.25 11.30
C LYS A 444 -26.86 7.41 10.52
N GLU A 445 -25.59 7.26 10.15
CA GLU A 445 -24.90 8.24 9.33
C GLU A 445 -25.48 8.27 7.91
N PHE A 446 -25.84 7.10 7.40
CA PHE A 446 -26.39 6.98 6.06
C PHE A 446 -27.75 7.64 5.95
N ALA A 447 -28.66 7.26 6.85
CA ALA A 447 -30.03 7.75 6.81
C ALA A 447 -30.10 9.25 7.11
N SER A 448 -29.07 9.77 7.74
CA SER A 448 -28.94 11.22 7.94
C SER A 448 -28.69 11.89 6.60
N GLY A 449 -27.92 11.21 5.76
CA GLY A 449 -27.52 11.77 4.47
C GLY A 449 -26.08 12.25 4.54
N ARG A 450 -25.32 11.69 5.48
CA ARG A 450 -23.91 12.04 5.63
C ARG A 450 -23.05 10.94 5.00
N LYS A 451 -23.70 10.13 4.18
CA LYS A 451 -23.02 9.17 3.30
C LYS A 451 -23.61 9.27 1.90
N GLY B 1 1.98 20.33 29.61
CA GLY B 1 3.18 19.74 29.05
C GLY B 1 2.99 18.28 28.67
N SER B 2 4.09 17.57 28.69
CA SER B 2 4.04 16.18 28.40
C SER B 2 5.20 15.42 28.91
N ALA B 3 5.04 14.13 29.01
CA ALA B 3 6.17 13.27 29.27
C ALA B 3 6.85 13.00 27.92
N MET B 4 8.08 12.52 27.91
CA MET B 4 8.80 12.34 26.66
C MET B 4 8.16 11.47 25.63
N GLY B 5 7.56 10.39 26.05
CA GLY B 5 6.88 9.50 25.14
C GLY B 5 5.67 10.03 24.42
N GLU B 6 4.89 10.84 25.12
CA GLU B 6 3.64 11.36 24.63
C GLU B 6 3.66 12.74 24.08
N PRO B 7 2.74 13.02 23.19
CA PRO B 7 2.58 14.36 22.61
C PRO B 7 2.10 15.36 23.66
N ASP B 8 2.39 16.64 23.45
CA ASP B 8 1.97 17.66 24.41
C ASP B 8 0.47 17.90 24.32
N TYR B 9 -0.19 17.95 25.47
CA TYR B 9 -1.63 18.20 25.52
C TYR B 9 -1.94 19.64 25.15
N GLU B 10 -0.92 20.49 25.18
CA GLU B 10 -1.08 21.91 24.88
C GLU B 10 -0.36 22.28 23.59
N VAL B 11 -1.05 23.02 22.73
CA VAL B 11 -0.46 23.50 21.48
C VAL B 11 -0.62 25.00 21.36
N ASP B 12 0.48 25.68 21.02
CA ASP B 12 0.48 27.12 20.86
C ASP B 12 -0.53 27.57 19.81
N GLU B 13 -1.62 28.18 20.28
CA GLU B 13 -2.70 28.69 19.43
C GLU B 13 -2.20 29.53 18.25
N ASP B 14 -1.07 30.19 18.47
CA ASP B 14 -0.46 31.07 17.49
C ASP B 14 -0.18 30.41 16.14
N ILE B 15 0.18 29.13 16.15
CA ILE B 15 0.63 28.46 14.94
C ILE B 15 -0.51 28.11 13.98
N PHE B 16 -1.72 28.55 14.30
CA PHE B 16 -2.87 28.25 13.47
C PHE B 16 -3.44 29.49 12.80
N ARG B 17 -2.99 30.66 13.25
CA ARG B 17 -3.38 31.91 12.61
C ARG B 17 -2.87 31.93 11.18
N LYS B 18 -3.74 32.25 10.24
CA LYS B 18 -3.33 32.43 8.86
C LYS B 18 -2.42 33.65 8.79
N LYS B 19 -1.57 33.70 7.75
CA LYS B 19 -0.48 34.67 7.59
C LYS B 19 0.74 34.33 8.43
N ARG B 20 0.69 33.21 9.14
CA ARG B 20 1.80 32.79 10.01
C ARG B 20 2.57 31.61 9.44
N LEU B 21 3.88 31.62 9.62
CA LEU B 21 4.73 30.51 9.24
C LEU B 21 5.64 30.14 10.40
N THR B 22 5.36 29.04 11.06
CA THR B 22 6.19 28.58 12.18
C THR B 22 7.34 27.71 11.67
N ILE B 23 8.55 28.00 12.15
CA ILE B 23 9.71 27.20 11.82
C ILE B 23 10.24 26.53 13.09
N MET B 24 10.32 25.20 13.08
CA MET B 24 10.77 24.45 14.24
C MET B 24 12.17 23.85 14.03
N ASP B 25 13.15 24.46 14.69
CA ASP B 25 14.55 24.13 14.46
C ASP B 25 15.13 23.16 15.49
N LEU B 26 14.33 22.21 15.96
CA LEU B 26 14.75 21.33 17.03
C LEU B 26 15.76 20.28 16.56
N HIS B 27 16.79 20.04 17.39
CA HIS B 27 17.86 19.12 17.08
C HIS B 27 17.34 17.69 16.95
N PRO B 28 18.05 16.83 16.18
CA PRO B 28 17.62 15.45 15.96
C PRO B 28 17.44 14.66 17.26
N GLY B 29 16.23 14.15 17.48
CA GLY B 29 15.96 13.31 18.63
C GLY B 29 14.74 13.72 19.44
N ALA B 30 14.51 15.03 19.54
CA ALA B 30 13.52 15.59 20.46
C ALA B 30 12.08 15.11 20.24
N GLY B 31 11.86 14.29 19.22
CA GLY B 31 10.53 13.81 18.91
C GLY B 31 9.76 14.84 18.10
N LYS B 32 10.46 15.51 17.20
CA LYS B 32 9.84 16.47 16.30
C LYS B 32 8.81 15.79 15.42
N THR B 33 9.10 14.56 15.02
CA THR B 33 8.20 13.79 14.16
C THR B 33 7.25 12.92 14.99
N LYS B 34 7.64 12.63 16.24
CA LYS B 34 6.89 11.70 17.07
C LYS B 34 6.08 12.38 18.19
N ARG B 35 6.59 13.47 18.74
CA ARG B 35 5.88 14.19 19.80
C ARG B 35 5.10 15.37 19.24
N ILE B 36 5.79 16.26 18.54
CA ILE B 36 5.24 17.53 18.12
C ILE B 36 4.16 17.39 17.04
N LEU B 37 4.46 16.62 16.00
CA LEU B 37 3.52 16.46 14.88
C LEU B 37 2.15 15.91 15.30
N PRO B 38 2.09 14.83 16.10
CA PRO B 38 0.76 14.32 16.48
C PRO B 38 -0.13 15.35 17.20
N SER B 39 0.45 16.10 18.14
CA SER B 39 -0.33 17.06 18.92
C SER B 39 -0.82 18.21 18.06
N ILE B 40 -0.04 18.57 17.05
CA ILE B 40 -0.45 19.60 16.11
C ILE B 40 -1.63 19.11 15.27
N VAL B 41 -1.55 17.87 14.83
CA VAL B 41 -2.59 17.26 14.02
C VAL B 41 -3.85 17.00 14.85
N ARG B 42 -3.68 16.59 16.10
CA ARG B 42 -4.80 16.39 17.00
C ARG B 42 -5.52 17.71 17.24
N GLU B 43 -4.78 18.81 17.25
CA GLU B 43 -5.35 20.13 17.47
C GLU B 43 -5.99 20.68 16.20
N ALA B 44 -5.38 20.39 15.05
CA ALA B 44 -5.91 20.82 13.77
C ALA B 44 -7.26 20.19 13.49
N LEU B 45 -7.45 18.96 13.95
CA LEU B 45 -8.70 18.24 13.83
C LEU B 45 -9.83 18.80 14.66
N LYS B 46 -9.51 19.29 15.85
CA LYS B 46 -10.42 19.92 16.76
C LYS B 46 -10.96 21.19 16.19
N ARG B 47 -10.13 21.91 15.50
CA ARG B 47 -10.51 23.15 14.88
C ARG B 47 -11.06 22.85 13.55
N ARG B 48 -11.05 21.57 13.19
CA ARG B 48 -11.52 21.11 11.88
C ARG B 48 -10.88 21.90 10.73
N LEU B 49 -9.56 22.00 10.76
CA LEU B 49 -8.82 22.64 9.69
C LEU B 49 -8.38 21.61 8.65
N ARG B 50 -8.71 21.88 7.39
CA ARG B 50 -8.27 21.03 6.29
C ARG B 50 -6.74 20.99 6.27
N THR B 51 -6.18 19.86 6.68
CA THR B 51 -4.75 19.77 6.96
C THR B 51 -3.97 18.97 5.93
N LEU B 52 -2.76 19.42 5.61
CA LEU B 52 -1.86 18.70 4.73
C LEU B 52 -0.51 18.44 5.41
N ILE B 53 -0.12 17.17 5.47
CA ILE B 53 1.18 16.81 6.03
C ILE B 53 2.09 16.27 4.93
N LEU B 54 3.29 16.83 4.82
CA LEU B 54 4.21 16.47 3.74
C LEU B 54 5.51 15.87 4.25
N ALA B 55 5.84 14.68 3.76
CA ALA B 55 7.07 13.99 4.13
C ALA B 55 8.00 13.86 2.93
N PRO B 56 9.31 14.04 3.14
CA PRO B 56 10.26 14.01 2.03
C PRO B 56 10.38 12.63 1.38
N THR B 57 10.44 11.58 2.20
CA THR B 57 10.58 10.22 1.69
C THR B 57 9.47 9.31 2.22
N ARG B 58 9.46 8.07 1.73
CA ARG B 58 8.53 7.08 2.23
C ARG B 58 8.98 6.56 3.60
N VAL B 59 10.25 6.79 3.91
CA VAL B 59 10.78 6.46 5.23
C VAL B 59 10.13 7.35 6.28
N VAL B 60 10.14 8.66 6.02
CA VAL B 60 9.50 9.61 6.91
C VAL B 60 7.99 9.41 6.86
N ALA B 61 7.48 9.00 5.71
CA ALA B 61 6.06 8.67 5.59
C ALA B 61 5.69 7.54 6.54
N ALA B 62 6.57 6.54 6.60
CA ALA B 62 6.37 5.39 7.48
C ALA B 62 6.49 5.80 8.95
N GLU B 63 7.53 6.57 9.26
CA GLU B 63 7.78 7.00 10.62
C GLU B 63 6.69 7.94 11.14
N MET B 64 5.93 8.53 10.21
CA MET B 64 4.82 9.40 10.57
C MET B 64 3.59 8.61 10.96
N GLU B 65 3.28 7.60 10.18
CA GLU B 65 2.10 6.77 10.41
C GLU B 65 2.19 6.08 11.77
N GLU B 66 3.41 5.84 12.23
CA GLU B 66 3.62 5.23 13.55
C GLU B 66 3.10 6.13 14.67
N ALA B 67 3.46 7.41 14.62
CA ALA B 67 3.09 8.35 15.66
C ALA B 67 1.66 8.85 15.48
N LEU B 68 1.15 8.79 14.25
CA LEU B 68 -0.16 9.34 13.93
C LEU B 68 -1.25 8.27 13.86
N ARG B 69 -0.84 7.01 13.96
CA ARG B 69 -1.76 5.87 13.84
C ARG B 69 -2.99 6.00 14.72
N GLY B 70 -4.16 5.83 14.12
CA GLY B 70 -5.41 5.97 14.83
C GLY B 70 -6.24 7.14 14.34
N LEU B 71 -5.62 8.32 14.33
CA LEU B 71 -6.27 9.55 13.88
C LEU B 71 -6.78 9.43 12.44
N PRO B 72 -7.88 10.14 12.13
CA PRO B 72 -8.49 10.10 10.78
C PRO B 72 -7.62 10.73 9.71
N ILE B 73 -6.50 10.11 9.38
CA ILE B 73 -5.58 10.63 8.38
C ILE B 73 -5.78 9.95 7.02
N ARG B 74 -5.83 10.74 5.96
CA ARG B 74 -5.88 10.20 4.61
C ARG B 74 -4.48 10.17 4.01
N TYR B 75 -3.92 8.96 3.88
CA TYR B 75 -2.58 8.80 3.33
C TYR B 75 -2.64 8.66 1.81
N GLN B 76 -1.65 9.22 1.12
CA GLN B 76 -1.54 9.08 -0.32
C GLN B 76 -0.10 8.74 -0.71
N THR B 77 0.31 7.53 -0.38
CA THR B 77 1.66 7.05 -0.65
C THR B 77 1.70 5.52 -0.56
N PRO B 78 2.53 4.88 -1.40
CA PRO B 78 2.69 3.43 -1.36
C PRO B 78 3.29 2.94 -0.04
N ALA B 79 3.76 3.88 0.78
CA ALA B 79 4.39 3.55 2.05
C ALA B 79 3.38 3.10 3.12
N VAL B 80 2.19 3.69 3.08
CA VAL B 80 1.21 3.47 4.16
C VAL B 80 -0.10 2.91 3.63
N LYS B 81 -0.68 1.96 4.37
CA LYS B 81 -1.95 1.36 3.99
C LYS B 81 -3.11 2.07 4.70
N SER B 82 -3.85 2.89 3.95
CA SER B 82 -4.94 3.66 4.52
C SER B 82 -6.31 3.09 4.16
N ASP B 83 -7.14 2.90 5.18
CA ASP B 83 -8.56 2.68 4.94
C ASP B 83 -9.20 4.02 4.59
N HIS B 84 -9.01 4.46 3.36
CA HIS B 84 -9.53 5.73 2.88
C HIS B 84 -11.08 5.78 2.96
N THR B 85 -11.61 6.82 3.59
CA THR B 85 -13.06 6.90 3.78
C THR B 85 -13.64 8.21 3.27
N GLY B 86 -12.81 9.02 2.65
CA GLY B 86 -13.27 10.18 1.94
C GLY B 86 -13.77 11.37 2.68
N ARG B 87 -13.89 11.25 3.98
CA ARG B 87 -14.31 12.41 4.72
C ARG B 87 -13.21 12.94 5.58
N GLU B 88 -12.02 12.41 5.42
CA GLU B 88 -10.94 12.88 6.20
C GLU B 88 -10.60 14.23 5.75
N ILE B 89 -10.30 15.10 6.68
CA ILE B 89 -9.90 16.46 6.36
C ILE B 89 -8.40 16.64 6.51
N VAL B 90 -7.69 15.53 6.73
CA VAL B 90 -6.24 15.55 6.81
C VAL B 90 -5.63 14.61 5.77
N ASP B 91 -4.77 15.16 4.92
CA ASP B 91 -4.07 14.37 3.92
C ASP B 91 -2.59 14.28 4.23
N LEU B 92 -2.00 13.12 3.98
CA LEU B 92 -0.56 12.94 4.16
C LEU B 92 0.04 12.36 2.88
N MET B 93 1.08 13.01 2.37
CA MET B 93 1.73 12.58 1.15
C MET B 93 3.17 13.09 1.10
N CYS B 94 3.88 12.76 0.04
CA CYS B 94 5.26 13.20 -0.12
C CYS B 94 5.34 14.59 -0.72
N HIS B 95 6.49 15.24 -0.55
CA HIS B 95 6.73 16.58 -1.10
C HIS B 95 6.53 16.61 -2.60
N ALA B 96 7.18 15.67 -3.28
CA ALA B 96 7.12 15.60 -4.74
C ALA B 96 5.73 15.23 -5.23
N THR B 97 4.99 14.49 -4.41
CA THR B 97 3.62 14.13 -4.72
C THR B 97 2.76 15.39 -4.80
N PHE B 98 2.86 16.22 -3.78
CA PHE B 98 2.10 17.47 -3.69
C PHE B 98 2.42 18.41 -4.84
N THR B 99 3.69 18.59 -5.13
CA THR B 99 4.14 19.46 -6.20
C THR B 99 3.65 18.96 -7.55
N THR B 100 3.69 17.64 -7.74
CA THR B 100 3.21 17.02 -8.97
C THR B 100 1.72 17.27 -9.17
N ARG B 101 0.96 17.13 -8.09
CA ARG B 101 -0.48 17.37 -8.13
C ARG B 101 -0.79 18.84 -8.40
N LEU B 102 0.04 19.74 -7.89
CA LEU B 102 -0.10 21.15 -8.20
C LEU B 102 0.12 21.38 -9.70
N LEU B 103 1.17 20.77 -10.23
CA LEU B 103 1.52 20.90 -11.63
C LEU B 103 0.46 20.31 -12.55
N SER B 104 -0.04 19.14 -12.19
CA SER B 104 -1.01 18.43 -13.03
C SER B 104 -2.35 19.15 -13.09
N SER B 105 -3.23 18.65 -13.96
CA SER B 105 -4.54 19.28 -14.21
C SER B 105 -5.40 19.47 -12.97
N THR B 106 -5.25 18.58 -11.99
CA THR B 106 -6.13 18.56 -10.83
C THR B 106 -6.02 19.82 -9.97
N ARG B 107 -7.15 20.20 -9.36
CA ARG B 107 -7.15 21.25 -8.36
C ARG B 107 -7.19 20.61 -6.98
N VAL B 108 -6.20 20.96 -6.15
CA VAL B 108 -6.04 20.35 -4.84
C VAL B 108 -6.92 21.02 -3.79
N PRO B 109 -7.18 20.33 -2.66
CA PRO B 109 -7.91 20.94 -1.55
C PRO B 109 -7.30 22.25 -1.08
N ASN B 110 -8.14 23.27 -0.90
CA ASN B 110 -7.70 24.56 -0.40
C ASN B 110 -7.42 24.47 1.10
N TYR B 111 -6.24 23.95 1.45
CA TYR B 111 -5.91 23.62 2.84
C TYR B 111 -5.85 24.83 3.77
N ASN B 112 -6.13 24.59 5.05
CA ASN B 112 -5.99 25.61 6.08
C ASN B 112 -4.61 25.54 6.73
N LEU B 113 -4.22 24.33 7.14
CA LEU B 113 -2.92 24.13 7.77
C LEU B 113 -2.05 23.18 6.96
N ILE B 114 -0.86 23.65 6.59
CA ILE B 114 0.11 22.82 5.90
C ILE B 114 1.33 22.60 6.79
N VAL B 115 1.72 21.35 6.97
CA VAL B 115 2.89 21.03 7.78
C VAL B 115 3.91 20.24 6.96
N MET B 116 4.98 20.92 6.57
CA MET B 116 6.06 20.22 5.86
C MET B 116 7.14 19.81 6.84
N ASP B 117 7.52 18.53 6.77
CA ASP B 117 8.56 17.98 7.63
C ASP B 117 9.86 17.89 6.84
N GLU B 118 10.98 18.00 7.54
CA GLU B 118 12.30 18.06 6.91
C GLU B 118 12.29 19.14 5.83
N ALA B 119 11.85 20.32 6.22
CA ALA B 119 11.60 21.42 5.29
C ALA B 119 12.88 22.07 4.77
N HIS B 120 13.95 21.29 4.75
CA HIS B 120 15.23 21.75 4.21
C HIS B 120 15.55 20.97 2.94
N PHE B 121 14.69 20.00 2.64
CA PHE B 121 14.82 19.11 1.49
C PHE B 121 15.16 19.89 0.23
N THR B 122 16.31 19.58 -0.37
CA THR B 122 16.81 20.35 -1.50
C THR B 122 16.32 19.83 -2.85
N ASP B 123 15.35 18.92 -2.82
CA ASP B 123 14.73 18.43 -4.04
C ASP B 123 13.97 19.57 -4.70
N PRO B 124 14.09 19.69 -6.03
CA PRO B 124 13.43 20.77 -6.77
C PRO B 124 11.91 20.78 -6.59
N CYS B 125 11.32 19.61 -6.35
CA CYS B 125 9.89 19.54 -6.08
C CYS B 125 9.58 20.07 -4.69
N SER B 126 10.52 19.88 -3.78
CA SER B 126 10.36 20.32 -2.39
C SER B 126 10.52 21.82 -2.26
N VAL B 127 11.53 22.38 -2.90
CA VAL B 127 11.74 23.82 -2.93
C VAL B 127 10.52 24.51 -3.55
N ALA B 128 10.02 23.93 -4.63
CA ALA B 128 8.82 24.44 -5.31
C ALA B 128 7.62 24.41 -4.37
N ALA B 129 7.46 23.30 -3.66
CA ALA B 129 6.38 23.15 -2.69
C ALA B 129 6.46 24.23 -1.61
N ARG B 130 7.67 24.46 -1.10
CA ARG B 130 7.88 25.49 -0.09
C ARG B 130 7.58 26.87 -0.67
N GLY B 131 7.84 27.02 -1.96
CA GLY B 131 7.54 28.26 -2.65
C GLY B 131 6.04 28.49 -2.69
N TYR B 132 5.31 27.45 -3.11
CA TYR B 132 3.86 27.50 -3.17
C TYR B 132 3.26 27.73 -1.78
N ILE B 133 3.72 26.96 -0.80
CA ILE B 133 3.18 27.00 0.56
C ILE B 133 3.34 28.37 1.21
N SER B 134 4.55 28.93 1.12
CA SER B 134 4.81 30.24 1.70
C SER B 134 3.93 31.31 1.07
N THR B 135 3.61 31.13 -0.21
CA THR B 135 2.73 32.06 -0.92
C THR B 135 1.30 31.95 -0.39
N ARG B 136 0.89 30.73 -0.06
CA ARG B 136 -0.44 30.49 0.51
C ARG B 136 -0.59 31.13 1.88
N VAL B 137 0.52 31.19 2.62
CA VAL B 137 0.54 31.82 3.93
C VAL B 137 0.50 33.33 3.81
N GLU B 138 1.35 33.86 2.94
CA GLU B 138 1.47 35.30 2.75
C GLU B 138 0.15 35.93 2.32
N MET B 139 -0.65 35.17 1.58
CA MET B 139 -1.95 35.67 1.11
C MET B 139 -3.05 35.47 2.15
N GLY B 140 -2.66 35.04 3.35
CA GLY B 140 -3.59 34.88 4.46
C GLY B 140 -4.60 33.76 4.26
N GLU B 141 -4.25 32.79 3.42
CA GLU B 141 -5.15 31.69 3.12
C GLU B 141 -4.84 30.44 3.95
N ALA B 142 -3.62 30.37 4.48
CA ALA B 142 -3.20 29.20 5.24
C ALA B 142 -2.16 29.53 6.30
N ALA B 143 -2.12 28.70 7.34
CA ALA B 143 -1.05 28.75 8.32
C ALA B 143 -0.15 27.54 8.08
N ALA B 144 1.17 27.76 8.06
CA ALA B 144 2.08 26.67 7.77
C ALA B 144 3.15 26.49 8.83
N ILE B 145 3.66 25.26 8.92
CA ILE B 145 4.73 24.92 9.84
C ILE B 145 5.83 24.18 9.09
N PHE B 146 7.06 24.68 9.19
CA PHE B 146 8.20 24.02 8.57
C PHE B 146 9.12 23.43 9.62
N MET B 147 9.21 22.10 9.66
CA MET B 147 10.01 21.41 10.66
C MET B 147 11.29 20.82 10.09
N THR B 148 12.42 21.14 10.72
CA THR B 148 13.71 20.58 10.35
C THR B 148 14.76 20.83 11.42
N ALA B 149 15.70 19.90 11.55
CA ALA B 149 16.80 20.06 12.48
C ALA B 149 17.92 20.90 11.87
N THR B 150 17.96 20.90 10.55
CA THR B 150 18.97 21.65 9.81
C THR B 150 18.31 22.63 8.84
N PRO B 151 17.80 23.76 9.36
CA PRO B 151 17.11 24.75 8.54
C PRO B 151 18.07 25.47 7.59
N PRO B 152 17.56 26.23 6.66
CA PRO B 152 18.45 26.89 5.75
C PRO B 152 19.40 27.77 6.51
N GLY B 153 20.66 27.75 6.11
CA GLY B 153 21.68 28.52 6.76
C GLY B 153 22.44 27.82 7.87
N SER B 154 22.20 26.53 8.00
CA SER B 154 22.80 25.72 9.03
C SER B 154 24.09 25.14 8.53
N ILE B 155 25.12 25.20 9.34
CA ILE B 155 26.39 24.69 8.92
C ILE B 155 27.10 23.72 9.83
N ASP B 156 26.60 23.50 11.02
CA ASP B 156 27.27 22.61 11.94
C ASP B 156 27.03 21.22 11.55
N PRO B 157 28.10 20.50 11.27
CA PRO B 157 28.07 19.08 10.92
C PRO B 157 27.79 18.17 12.12
N PHE B 158 27.93 18.70 13.32
CA PHE B 158 27.77 17.90 14.54
C PHE B 158 26.83 18.56 15.55
N PRO B 159 25.52 18.51 15.29
CA PRO B 159 24.55 19.15 16.19
C PRO B 159 24.35 18.39 17.50
N GLN B 160 23.52 18.94 18.38
CA GLN B 160 23.20 18.32 19.67
C GLN B 160 22.46 17.01 19.49
N SER B 161 22.67 16.07 20.41
CA SER B 161 22.01 14.77 20.36
C SER B 161 21.61 14.27 21.74
N ASN B 162 20.60 13.40 21.78
CA ASN B 162 20.10 12.83 23.02
C ASN B 162 21.17 12.11 23.82
N SER B 163 22.09 11.47 23.10
CA SER B 163 23.14 10.68 23.72
C SER B 163 24.48 10.93 23.03
N PRO B 164 25.58 10.92 23.81
CA PRO B 164 26.94 11.19 23.33
C PRO B 164 27.31 10.46 22.04
N ILE B 165 28.05 11.14 21.17
CA ILE B 165 28.51 10.57 19.91
C ILE B 165 30.03 10.63 19.81
N GLU B 166 30.65 9.48 19.54
CA GLU B 166 32.08 9.44 19.27
C GLU B 166 32.34 9.66 17.79
N ASP B 167 32.81 10.85 17.45
CA ASP B 167 33.08 11.21 16.06
C ASP B 167 34.46 10.72 15.64
N ILE B 168 34.51 9.96 14.56
CA ILE B 168 35.73 9.29 14.13
C ILE B 168 35.98 9.46 12.63
N GLU B 169 37.09 10.10 12.27
CA GLU B 169 37.42 10.28 10.86
C GLU B 169 38.36 9.19 10.37
N ARG B 170 37.82 8.28 9.57
CA ARG B 170 38.61 7.25 8.92
C ARG B 170 38.38 7.25 7.41
N GLU B 171 39.31 6.68 6.67
CA GLU B 171 39.11 6.51 5.23
C GLU B 171 38.06 5.43 5.02
N ILE B 172 37.05 5.75 4.22
CA ILE B 172 35.91 4.86 4.05
C ILE B 172 35.78 4.40 2.60
N PRO B 173 35.87 3.08 2.37
CA PRO B 173 35.90 2.50 1.03
C PRO B 173 34.60 2.67 0.26
N GLU B 174 34.71 2.99 -1.02
CA GLU B 174 33.54 3.10 -1.89
C GLU B 174 33.34 1.83 -2.71
N ARG B 175 34.35 0.97 -2.70
CA ARG B 175 34.30 -0.27 -3.47
C ARG B 175 34.51 -1.49 -2.59
N SER B 176 34.61 -2.67 -3.22
CA SER B 176 34.83 -3.91 -2.49
C SER B 176 36.30 -4.05 -2.10
N TRP B 177 36.55 -4.24 -0.81
CA TRP B 177 37.91 -4.29 -0.29
C TRP B 177 38.34 -5.71 0.07
N ASN B 178 39.54 -6.08 -0.38
CA ASN B 178 40.15 -7.35 0.00
C ASN B 178 40.33 -7.46 1.51
N THR B 179 41.09 -6.51 2.03
CA THR B 179 41.55 -6.55 3.41
C THR B 179 42.02 -5.16 3.83
N GLY B 180 42.56 -5.06 5.04
CA GLY B 180 43.07 -3.79 5.53
C GLY B 180 41.98 -2.91 6.12
N PHE B 181 40.75 -3.42 6.12
CA PHE B 181 39.61 -2.70 6.69
C PHE B 181 38.95 -3.51 7.80
N ASP B 182 39.77 -4.03 8.72
CA ASP B 182 39.27 -4.84 9.81
C ASP B 182 38.28 -4.09 10.70
N TRP B 183 38.49 -2.79 10.85
CA TRP B 183 37.71 -1.97 11.79
C TRP B 183 36.22 -1.94 11.44
N ILE B 184 35.89 -2.21 10.19
CA ILE B 184 34.49 -2.20 9.75
C ILE B 184 33.73 -3.41 10.27
N THR B 185 34.26 -4.60 10.02
CA THR B 185 33.54 -5.83 10.30
C THR B 185 33.79 -6.37 11.72
N ASP B 186 34.82 -5.85 12.35
CA ASP B 186 35.17 -6.21 13.69
C ASP B 186 34.12 -5.74 14.64
N TYR B 187 33.55 -4.58 14.35
CA TYR B 187 32.56 -3.97 15.21
C TYR B 187 31.42 -4.92 15.40
N GLN B 188 31.03 -5.09 16.64
CA GLN B 188 29.96 -5.99 17.01
C GLN B 188 28.49 -5.69 16.68
N GLY B 189 28.10 -4.44 16.87
CA GLY B 189 26.74 -3.94 16.72
C GLY B 189 26.25 -3.49 15.38
N LYS B 190 25.02 -3.02 15.35
CA LYS B 190 24.39 -2.56 14.13
C LYS B 190 24.94 -1.24 13.58
N THR B 191 25.22 -1.25 12.28
CA THR B 191 25.82 -0.12 11.59
C THR B 191 24.92 0.40 10.47
N VAL B 192 24.88 1.72 10.32
CA VAL B 192 24.20 2.34 9.19
C VAL B 192 25.21 2.94 8.23
N TRP B 193 25.18 2.50 6.99
CA TRP B 193 26.16 2.93 5.99
C TRP B 193 25.46 3.64 4.83
N PHE B 194 25.76 4.93 4.66
CA PHE B 194 25.22 5.69 3.54
C PHE B 194 26.14 5.58 2.33
N VAL B 195 25.54 5.35 1.17
CA VAL B 195 26.30 5.23 -0.07
C VAL B 195 25.69 6.12 -1.15
N PRO B 196 26.49 6.52 -2.15
CA PRO B 196 25.97 7.43 -3.19
C PRO B 196 24.93 6.80 -4.11
N SER B 197 25.14 5.55 -4.51
CA SER B 197 24.22 4.89 -5.45
C SER B 197 23.80 3.51 -4.97
N ILE B 198 22.94 2.90 -5.77
CA ILE B 198 22.51 1.55 -5.54
C ILE B 198 23.59 0.53 -5.81
N LYS B 199 24.26 0.67 -6.94
CA LYS B 199 25.30 -0.25 -7.33
C LYS B 199 26.38 -0.22 -6.32
N ALA B 200 26.72 0.97 -5.88
CA ALA B 200 27.78 1.15 -4.89
C ALA B 200 27.35 0.42 -3.67
N GLY B 201 26.09 0.51 -3.36
CA GLY B 201 25.49 -0.18 -2.27
C GLY B 201 25.44 -1.66 -2.51
N ASN B 202 25.43 -2.12 -3.75
CA ASN B 202 25.36 -3.56 -3.96
C ASN B 202 26.74 -4.18 -3.86
N ASP B 203 27.71 -3.50 -4.50
CA ASP B 203 29.11 -3.89 -4.44
C ASP B 203 29.59 -3.97 -2.99
N ILE B 204 29.21 -2.99 -2.19
CA ILE B 204 29.60 -2.95 -0.78
C ILE B 204 28.83 -3.98 0.06
N ALA B 205 27.51 -4.03 -0.12
CA ALA B 205 26.68 -4.94 0.66
C ALA B 205 27.02 -6.39 0.41
N ASN B 206 27.15 -6.76 -0.87
CA ASN B 206 27.56 -8.12 -1.24
C ASN B 206 28.92 -8.45 -0.66
N CYS B 207 29.77 -7.44 -0.53
CA CYS B 207 31.09 -7.61 0.05
C CYS B 207 31.02 -7.86 1.55
N LEU B 208 30.03 -7.27 2.22
CA LEU B 208 29.88 -7.44 3.66
C LEU B 208 29.35 -8.84 4.00
N ARG B 209 28.46 -9.35 3.15
CA ARG B 209 27.88 -10.67 3.35
C ARG B 209 28.94 -11.76 3.33
N LYS B 210 30.03 -11.49 2.61
CA LYS B 210 31.17 -12.41 2.54
C LYS B 210 31.70 -12.71 3.95
N SER B 211 31.56 -11.75 4.84
CA SER B 211 32.14 -11.84 6.18
C SER B 211 31.11 -12.34 7.19
N GLY B 212 30.05 -12.96 6.67
CA GLY B 212 28.98 -13.47 7.51
C GLY B 212 28.17 -12.36 8.14
N LYS B 213 27.93 -11.30 7.38
CA LYS B 213 27.19 -10.15 7.88
C LYS B 213 25.74 -10.15 7.40
N ARG B 214 24.81 -10.01 8.35
CA ARG B 214 23.40 -9.83 8.03
C ARG B 214 23.19 -8.42 7.48
N VAL B 215 23.02 -8.32 6.16
CA VAL B 215 22.94 -7.02 5.52
C VAL B 215 21.59 -6.75 4.86
N ILE B 216 20.93 -5.68 5.30
CA ILE B 216 19.72 -5.21 4.65
C ILE B 216 20.08 -4.01 3.77
N GLN B 217 19.51 -3.96 2.57
CA GLN B 217 19.79 -2.87 1.65
C GLN B 217 18.55 -2.01 1.46
N LEU B 218 18.72 -0.69 1.55
CA LEU B 218 17.60 0.23 1.36
C LEU B 218 17.83 1.22 0.23
N SER B 219 16.83 1.33 -0.63
CA SER B 219 16.81 2.33 -1.70
C SER B 219 15.36 2.54 -2.09
N ARG B 220 15.10 3.37 -3.09
CA ARG B 220 13.74 3.60 -3.53
C ARG B 220 13.15 2.34 -4.15
N LYS B 221 14.01 1.40 -4.51
CA LYS B 221 13.60 0.16 -5.18
C LYS B 221 13.25 -0.96 -4.20
N THR B 222 13.90 -0.98 -3.04
CA THR B 222 13.72 -2.09 -2.10
C THR B 222 12.92 -1.71 -0.86
N PHE B 223 12.55 -0.43 -0.75
CA PHE B 223 11.94 0.11 0.47
C PHE B 223 10.76 -0.69 0.99
N ASP B 224 9.80 -0.95 0.11
CA ASP B 224 8.53 -1.55 0.47
C ASP B 224 8.65 -2.88 1.23
N THR B 225 9.56 -3.73 0.79
CA THR B 225 9.79 -5.00 1.47
C THR B 225 10.82 -4.87 2.58
N GLU B 226 11.90 -4.14 2.29
CA GLU B 226 13.09 -4.17 3.14
C GLU B 226 13.05 -3.23 4.35
N TYR B 227 12.26 -2.17 4.30
CA TYR B 227 12.25 -1.24 5.42
C TYR B 227 11.65 -1.83 6.71
N PRO B 228 10.48 -2.51 6.62
CA PRO B 228 9.99 -3.13 7.86
C PRO B 228 10.95 -4.17 8.43
N LYS B 229 11.71 -4.77 7.56
CA LYS B 229 12.72 -5.71 7.92
C LYS B 229 13.79 -5.00 8.72
N THR B 230 13.94 -3.71 8.54
CA THR B 230 14.92 -2.95 9.30
C THR B 230 14.51 -2.85 10.73
N LYS B 231 13.25 -2.48 10.93
CA LYS B 231 12.61 -2.30 12.25
C LYS B 231 12.39 -3.56 13.05
N LEU B 232 11.78 -4.55 12.42
CA LEU B 232 11.33 -5.78 13.05
C LEU B 232 12.26 -6.95 13.17
N THR B 233 13.46 -6.83 12.65
CA THR B 233 14.37 -7.94 12.72
C THR B 233 15.70 -7.60 13.34
N ASP B 234 16.66 -8.48 13.07
CA ASP B 234 18.04 -8.35 13.47
C ASP B 234 18.88 -8.41 12.22
N TRP B 235 19.88 -7.54 12.18
CA TRP B 235 20.82 -7.37 11.08
C TRP B 235 22.11 -6.77 11.60
N ASP B 236 23.15 -6.82 10.78
CA ASP B 236 24.41 -6.24 11.16
C ASP B 236 24.61 -4.90 10.48
N PHE B 237 24.41 -4.82 9.19
CA PHE B 237 24.56 -3.56 8.49
C PHE B 237 23.29 -3.20 7.73
N VAL B 238 23.01 -1.91 7.62
CA VAL B 238 21.95 -1.48 6.73
C VAL B 238 22.71 -0.59 5.79
N VAL B 239 22.79 -0.96 4.52
CA VAL B 239 23.51 -0.15 3.57
C VAL B 239 22.50 0.62 2.81
N THR B 240 22.50 1.92 2.98
CA THR B 240 21.48 2.71 2.39
C THR B 240 21.90 3.84 1.60
N THR B 241 21.01 4.24 0.73
CA THR B 241 21.13 5.46 -0.02
C THR B 241 20.54 6.58 0.85
N ASP B 242 20.53 7.82 0.37
CA ASP B 242 19.98 8.91 1.17
C ASP B 242 18.45 8.99 1.09
N ILE B 243 17.76 7.93 1.48
CA ILE B 243 16.35 7.81 1.51
C ILE B 243 16.16 7.71 2.97
N SER B 244 17.20 7.29 3.68
CA SER B 244 17.10 7.27 5.13
C SER B 244 17.99 8.36 5.72
N GLU B 245 18.33 9.34 4.89
CA GLU B 245 19.08 10.50 5.36
C GLU B 245 18.26 11.25 6.41
N MET B 246 16.94 11.06 6.35
CA MET B 246 16.02 11.72 7.27
C MET B 246 14.98 10.75 7.84
N GLY B 247 14.63 10.93 9.10
CA GLY B 247 13.52 10.22 9.72
C GLY B 247 13.83 8.87 10.34
N ALA B 248 14.72 8.13 9.69
CA ALA B 248 14.95 6.73 10.04
C ALA B 248 15.40 6.49 11.48
N ASN B 249 14.51 5.95 12.29
CA ASN B 249 14.88 5.40 13.59
C ASN B 249 15.26 3.93 13.42
N PHE B 250 16.55 3.68 13.27
CA PHE B 250 17.05 2.34 13.02
C PHE B 250 17.40 1.64 14.33
N ARG B 251 17.42 2.41 15.42
CA ARG B 251 17.89 1.92 16.71
C ARG B 251 19.22 1.20 16.55
N ALA B 252 20.18 1.90 15.92
CA ALA B 252 21.50 1.35 15.65
C ALA B 252 22.55 2.02 16.53
N GLY B 253 23.80 1.61 16.36
CA GLY B 253 24.88 2.09 17.21
C GLY B 253 25.97 2.87 16.51
N ARG B 254 26.15 2.62 15.21
CA ARG B 254 27.21 3.29 14.47
C ARG B 254 26.75 3.73 13.07
N VAL B 255 27.17 4.91 12.67
CA VAL B 255 26.92 5.41 11.32
C VAL B 255 28.23 5.61 10.57
N ILE B 256 28.34 5.00 9.40
CA ILE B 256 29.48 5.21 8.52
C ILE B 256 29.07 6.15 7.38
N ASP B 257 29.76 7.27 7.27
CA ASP B 257 29.35 8.32 6.33
C ASP B 257 30.52 8.81 5.47
N PRO B 258 30.64 8.28 4.24
CA PRO B 258 31.70 8.66 3.30
C PRO B 258 31.58 10.12 2.87
N ARG B 259 30.42 10.72 3.11
CA ARG B 259 30.19 12.15 2.93
C ARG B 259 30.40 12.67 1.50
N ARG B 260 30.46 11.78 0.52
CA ARG B 260 30.65 12.23 -0.86
C ARG B 260 29.58 11.68 -1.79
N CYS B 261 28.86 12.58 -2.44
CA CYS B 261 27.78 12.24 -3.36
C CYS B 261 28.06 12.81 -4.74
N LEU B 262 27.07 12.70 -5.64
CA LEU B 262 27.18 13.29 -6.97
C LEU B 262 26.20 14.44 -7.14
N LYS B 263 26.54 15.37 -8.03
CA LYS B 263 25.75 16.58 -8.20
C LYS B 263 25.50 16.88 -9.68
N PRO B 264 24.23 16.83 -10.10
CA PRO B 264 23.89 17.26 -11.47
C PRO B 264 24.12 18.76 -11.63
N VAL B 265 24.93 19.14 -12.62
CA VAL B 265 25.27 20.54 -12.83
C VAL B 265 24.96 20.98 -14.26
N ILE B 266 24.20 22.05 -14.39
CA ILE B 266 23.85 22.60 -15.69
C ILE B 266 25.01 23.41 -16.26
N LEU B 267 25.59 22.92 -17.36
CA LEU B 267 26.71 23.61 -17.99
C LEU B 267 26.21 24.72 -18.91
N THR B 268 26.88 25.87 -18.83
CA THR B 268 26.42 27.08 -19.52
C THR B 268 27.37 27.50 -20.64
N ASP B 269 28.67 27.28 -20.43
CA ASP B 269 29.67 27.64 -21.44
C ASP B 269 29.77 26.53 -22.49
N GLY B 270 29.15 26.78 -23.64
CA GLY B 270 28.89 25.77 -24.64
C GLY B 270 27.39 25.65 -24.74
N PRO B 271 26.89 24.60 -25.43
CA PRO B 271 25.44 24.39 -25.41
C PRO B 271 24.98 23.93 -24.04
N GLU B 272 23.79 24.36 -23.62
CA GLU B 272 23.28 24.01 -22.30
C GLU B 272 23.02 22.51 -22.18
N ARG B 273 23.55 21.92 -21.11
CA ARG B 273 23.40 20.49 -20.85
C ARG B 273 23.68 20.18 -19.38
N VAL B 274 23.26 19.01 -18.93
CA VAL B 274 23.46 18.63 -17.54
C VAL B 274 24.40 17.44 -17.41
N ILE B 275 25.45 17.62 -16.62
CA ILE B 275 26.39 16.54 -16.32
C ILE B 275 26.16 16.01 -14.92
N LEU B 276 26.81 14.90 -14.59
CA LEU B 276 26.86 14.43 -13.22
C LEU B 276 28.25 14.68 -12.66
N ALA B 277 28.38 15.72 -11.86
CA ALA B 277 29.67 16.16 -11.35
C ALA B 277 30.05 15.44 -10.07
N GLY B 278 31.35 15.26 -9.87
CA GLY B 278 31.85 14.73 -8.61
C GLY B 278 32.61 13.42 -8.68
N PRO B 279 32.63 12.66 -7.58
CA PRO B 279 31.93 12.96 -6.32
C PRO B 279 32.47 14.18 -5.55
N ILE B 280 31.56 14.92 -4.93
CA ILE B 280 31.92 16.06 -4.11
C ILE B 280 31.35 15.87 -2.70
N PRO B 281 31.98 16.50 -1.70
CA PRO B 281 31.47 16.45 -0.32
C PRO B 281 30.02 16.87 -0.21
N VAL B 282 29.25 16.16 0.60
CA VAL B 282 27.85 16.53 0.85
C VAL B 282 27.79 17.81 1.65
N THR B 283 26.60 18.39 1.74
CA THR B 283 26.37 19.59 2.53
C THR B 283 26.52 19.26 4.01
N PRO B 284 26.78 20.29 4.85
CA PRO B 284 26.78 20.08 6.30
C PRO B 284 25.45 19.52 6.80
N ALA B 285 24.36 19.98 6.19
CA ALA B 285 23.02 19.54 6.57
C ALA B 285 22.85 18.04 6.36
N SER B 286 23.27 17.55 5.20
CA SER B 286 23.17 16.13 4.89
C SER B 286 23.97 15.29 5.85
N ALA B 287 25.20 15.71 6.13
CA ALA B 287 26.07 15.01 7.07
C ALA B 287 25.45 14.98 8.48
N ALA B 288 24.90 16.11 8.89
CA ALA B 288 24.28 16.23 10.21
C ALA B 288 23.05 15.32 10.33
N GLN B 289 22.32 15.18 9.22
CA GLN B 289 21.13 14.32 9.20
C GLN B 289 21.51 12.85 9.23
N ARG B 290 22.60 12.50 8.54
CA ARG B 290 23.09 11.13 8.54
C ARG B 290 23.64 10.77 9.92
N ARG B 291 24.43 11.67 10.48
CA ARG B 291 24.97 11.52 11.84
C ARG B 291 23.84 11.41 12.85
N GLY B 292 22.75 12.14 12.61
CA GLY B 292 21.62 12.18 13.53
C GLY B 292 20.76 10.94 13.52
N ARG B 293 21.21 9.89 12.83
CA ARG B 293 20.49 8.62 12.84
C ARG B 293 20.81 7.83 14.09
N ILE B 294 21.94 8.13 14.70
CA ILE B 294 22.34 7.49 15.96
C ILE B 294 22.47 8.52 17.07
N GLY B 295 22.74 8.05 18.29
CA GLY B 295 22.79 8.93 19.44
C GLY B 295 21.43 9.50 19.74
N ARG B 296 20.39 8.74 19.39
CA ARG B 296 19.02 9.14 19.67
C ARG B 296 18.53 8.47 20.94
N ASN B 297 19.17 7.37 21.32
CA ASN B 297 18.78 6.62 22.50
C ASN B 297 19.64 6.99 23.70
N PRO B 298 19.03 7.62 24.71
CA PRO B 298 19.76 8.14 25.87
C PRO B 298 20.45 7.05 26.70
N ALA B 299 19.88 5.85 26.73
CA ALA B 299 20.43 4.79 27.57
C ALA B 299 21.76 4.27 27.04
N GLN B 300 21.97 4.43 25.74
CA GLN B 300 23.18 3.95 25.08
C GLN B 300 24.09 5.11 24.75
N GLU B 301 25.33 5.07 25.26
CA GLU B 301 26.19 6.24 25.24
C GLU B 301 27.42 6.12 24.34
N ASP B 302 27.69 4.93 23.83
CA ASP B 302 28.87 4.75 22.98
C ASP B 302 28.51 4.61 21.50
N ASP B 303 27.59 5.46 21.04
CA ASP B 303 27.25 5.51 19.62
C ASP B 303 28.38 6.16 18.84
N GLN B 304 28.66 5.63 17.66
CA GLN B 304 29.77 6.13 16.85
C GLN B 304 29.29 6.75 15.53
N TYR B 305 30.09 7.66 15.01
CA TYR B 305 29.84 8.26 13.70
C TYR B 305 31.15 8.35 12.93
N VAL B 306 31.34 7.43 11.98
CA VAL B 306 32.58 7.37 11.23
C VAL B 306 32.43 8.03 9.86
N PHE B 307 33.14 9.14 9.67
CA PHE B 307 33.04 9.91 8.43
C PHE B 307 34.39 10.12 7.78
N SER B 308 34.37 10.76 6.60
CA SER B 308 35.60 11.09 5.90
C SER B 308 35.44 12.38 5.10
N GLY B 309 36.19 13.41 5.50
CA GLY B 309 36.24 14.65 4.76
C GLY B 309 35.36 15.77 5.32
N ASP B 310 35.76 17.00 5.03
CA ASP B 310 34.95 18.17 5.37
C ASP B 310 33.77 18.28 4.40
N PRO B 311 32.62 18.77 4.89
CA PRO B 311 31.47 18.99 4.01
C PRO B 311 31.69 20.17 3.06
N LEU B 312 30.78 20.34 2.10
CA LEU B 312 30.84 21.48 1.19
C LEU B 312 29.49 22.21 1.15
N LYS B 313 29.47 23.41 1.70
CA LYS B 313 28.25 24.19 1.84
C LYS B 313 27.72 24.71 0.51
N ASN B 314 28.62 25.09 -0.38
CA ASN B 314 28.25 25.75 -1.63
C ASN B 314 27.65 24.78 -2.65
N ASP B 315 26.31 24.78 -2.75
CA ASP B 315 25.61 23.90 -3.67
C ASP B 315 24.78 24.69 -4.68
N GLU B 316 25.27 25.86 -5.08
CA GLU B 316 24.48 26.76 -5.91
C GLU B 316 24.57 26.46 -7.40
N ASP B 317 25.51 25.60 -7.78
CA ASP B 317 25.59 25.16 -9.17
C ASP B 317 24.82 23.86 -9.35
N HIS B 318 24.33 23.31 -8.23
CA HIS B 318 23.47 22.14 -8.25
C HIS B 318 22.22 22.45 -9.05
N ALA B 319 21.83 21.53 -9.93
CA ALA B 319 20.77 21.76 -10.88
C ALA B 319 19.39 21.94 -10.25
N HIS B 320 19.26 21.60 -8.97
CA HIS B 320 17.92 21.57 -8.37
C HIS B 320 17.37 22.96 -8.05
N TRP B 321 18.25 23.97 -7.97
CA TRP B 321 17.78 25.33 -7.77
C TRP B 321 17.12 25.86 -9.04
N THR B 322 17.77 25.63 -10.17
CA THR B 322 17.22 25.99 -11.47
C THR B 322 15.97 25.18 -11.75
N GLU B 323 16.03 23.89 -11.43
CA GLU B 323 14.89 22.99 -11.62
C GLU B 323 13.73 23.32 -10.70
N ALA B 324 14.02 23.99 -9.58
CA ALA B 324 12.99 24.34 -8.62
C ALA B 324 12.07 25.44 -9.17
N LYS B 325 12.66 26.45 -9.78
CA LYS B 325 11.87 27.55 -10.33
C LYS B 325 11.33 27.18 -11.71
N MET B 326 11.83 26.09 -12.28
CA MET B 326 11.25 25.56 -13.50
C MET B 326 9.87 24.98 -13.19
N LEU B 327 9.76 24.35 -12.04
CA LEU B 327 8.48 23.80 -11.58
C LEU B 327 7.58 24.91 -11.07
N LEU B 328 8.12 25.74 -10.19
CA LEU B 328 7.36 26.80 -9.53
C LEU B 328 6.71 27.76 -10.52
N ASP B 329 7.41 28.08 -11.60
CA ASP B 329 6.88 28.98 -12.61
C ASP B 329 5.71 28.35 -13.36
N ASN B 330 5.50 27.06 -13.17
CA ASN B 330 4.34 26.42 -13.78
C ASN B 330 3.37 25.87 -12.73
N ILE B 331 3.29 26.57 -11.61
CA ILE B 331 2.36 26.25 -10.53
C ILE B 331 1.56 27.50 -10.20
N TYR B 332 0.28 27.33 -9.87
CA TYR B 332 -0.56 28.47 -9.52
C TYR B 332 -1.49 28.16 -8.37
N THR B 333 -1.67 29.15 -7.49
CA THR B 333 -2.68 29.08 -6.44
C THR B 333 -4.05 28.96 -7.11
N PRO B 334 -5.06 28.45 -6.39
CA PRO B 334 -6.39 28.34 -7.01
C PRO B 334 -6.90 29.67 -7.56
N GLU B 335 -6.53 30.77 -6.91
CA GLU B 335 -6.93 32.09 -7.36
C GLU B 335 -6.24 32.46 -8.68
N GLY B 336 -5.01 32.00 -8.86
CA GLY B 336 -4.27 32.25 -10.09
C GLY B 336 -2.98 33.02 -9.89
N ILE B 337 -2.57 33.16 -8.64
CA ILE B 337 -1.31 33.83 -8.33
C ILE B 337 -0.12 32.94 -8.69
N ILE B 338 0.93 33.54 -9.24
CA ILE B 338 2.18 32.82 -9.42
C ILE B 338 2.96 32.93 -8.11
N PRO B 339 3.32 31.78 -7.51
CA PRO B 339 3.98 31.77 -6.20
C PRO B 339 5.46 32.13 -6.26
N THR B 340 6.00 32.51 -5.10
CA THR B 340 7.39 32.93 -5.00
C THR B 340 8.15 32.00 -4.05
N LEU B 341 9.46 31.90 -4.28
CA LEU B 341 10.31 31.02 -3.47
C LEU B 341 10.34 31.38 -2.00
N PHE B 342 10.43 30.35 -1.16
CA PHE B 342 10.62 30.52 0.28
C PHE B 342 11.82 31.41 0.54
N GLY B 343 11.65 32.40 1.43
CA GLY B 343 12.63 33.44 1.70
C GLY B 343 14.10 33.11 1.59
N PRO B 344 14.61 32.28 2.51
CA PRO B 344 16.02 31.89 2.55
C PRO B 344 16.51 31.19 1.27
N GLU B 345 15.58 30.72 0.45
CA GLU B 345 15.93 29.98 -0.76
C GLU B 345 15.73 30.81 -2.02
N ARG B 346 15.80 32.13 -1.89
CA ARG B 346 15.73 33.01 -3.05
C ARG B 346 17.13 33.35 -3.56
N GLU B 347 17.22 33.68 -4.84
CA GLU B 347 18.46 34.15 -5.47
C GLU B 347 19.63 33.18 -5.30
N LYS B 348 19.36 31.90 -5.46
CA LYS B 348 20.43 30.92 -5.48
C LYS B 348 20.86 30.67 -6.94
N THR B 349 20.00 31.07 -7.83
CA THR B 349 20.26 30.98 -9.23
C THR B 349 19.93 32.32 -9.78
N GLN B 350 20.66 32.71 -10.79
CA GLN B 350 20.46 33.98 -11.43
C GLN B 350 19.24 34.09 -12.32
N ALA B 351 18.59 32.99 -12.63
CA ALA B 351 17.49 33.00 -13.54
C ALA B 351 16.38 33.93 -13.14
N ILE B 352 15.95 34.66 -14.14
CA ILE B 352 14.93 35.65 -14.04
C ILE B 352 13.57 35.02 -13.74
N ASP B 353 12.73 35.74 -13.01
CA ASP B 353 11.39 35.24 -12.64
C ASP B 353 10.42 35.09 -13.81
N GLY B 354 9.55 34.09 -13.75
CA GLY B 354 8.63 33.83 -14.83
C GLY B 354 9.28 33.46 -16.13
N GLU B 355 10.51 33.02 -16.05
CA GLU B 355 11.28 32.71 -17.25
C GLU B 355 10.88 31.36 -17.83
N PHE B 356 10.56 30.43 -16.95
CA PHE B 356 10.28 29.05 -17.34
C PHE B 356 8.79 28.77 -17.51
N ARG B 357 7.99 29.83 -17.54
CA ARG B 357 6.55 29.69 -17.67
C ARG B 357 6.16 29.10 -19.02
N LEU B 358 5.62 27.89 -19.00
CA LEU B 358 5.22 27.20 -20.22
C LEU B 358 3.79 27.51 -20.61
N ARG B 359 3.49 27.36 -21.90
CA ARG B 359 2.16 27.62 -22.42
C ARG B 359 1.17 26.51 -22.04
N GLY B 360 -0.02 26.58 -22.61
CA GLY B 360 -1.09 25.65 -22.27
C GLY B 360 -0.75 24.17 -22.35
N GLU B 361 -0.51 23.68 -23.57
CA GLU B 361 -0.25 22.25 -23.77
C GLU B 361 1.22 21.91 -23.52
N GLN B 362 2.08 22.92 -23.61
CA GLN B 362 3.50 22.75 -23.32
C GLN B 362 3.70 22.41 -21.85
N ARG B 363 2.69 22.70 -21.04
CA ARG B 363 2.75 22.43 -19.61
C ARG B 363 2.27 21.01 -19.29
N LYS B 364 1.27 20.53 -20.03
CA LYS B 364 0.76 19.19 -19.83
C LYS B 364 1.79 18.15 -20.27
N THR B 365 2.49 18.47 -21.36
CA THR B 365 3.58 17.63 -21.84
C THR B 365 4.73 17.62 -20.84
N PHE B 366 5.05 18.80 -20.33
CA PHE B 366 6.09 18.98 -19.33
C PHE B 366 5.91 18.07 -18.12
N VAL B 367 4.71 18.09 -17.56
CA VAL B 367 4.38 17.24 -16.42
C VAL B 367 4.42 15.77 -16.81
N GLU B 368 3.94 15.47 -18.02
CA GLU B 368 3.92 14.11 -18.53
C GLU B 368 5.32 13.53 -18.65
N LEU B 369 6.24 14.33 -19.17
CA LEU B 369 7.62 13.89 -19.38
C LEU B 369 8.30 13.47 -18.07
N MET B 370 8.05 14.21 -17.00
CA MET B 370 8.58 13.87 -15.69
C MET B 370 7.85 12.67 -15.10
N ARG B 371 6.52 12.73 -15.12
CA ARG B 371 5.69 11.70 -14.49
C ARG B 371 5.70 10.38 -15.24
N ARG B 372 5.48 10.45 -16.55
CA ARG B 372 5.34 9.24 -17.36
C ARG B 372 6.66 8.78 -17.99
N GLY B 373 7.52 9.73 -18.31
CA GLY B 373 8.77 9.43 -18.99
C GLY B 373 9.95 9.25 -18.06
N ASP B 374 9.77 9.63 -16.79
CA ASP B 374 10.81 9.56 -15.77
C ASP B 374 12.06 10.36 -16.15
N LEU B 375 11.86 11.40 -16.95
CA LEU B 375 12.93 12.30 -17.32
C LEU B 375 13.12 13.36 -16.24
N PRO B 376 14.34 13.89 -16.09
CA PRO B 376 14.59 14.95 -15.11
C PRO B 376 13.82 16.22 -15.45
N VAL B 377 13.76 17.15 -14.51
CA VAL B 377 13.03 18.40 -14.70
C VAL B 377 13.59 19.21 -15.86
N TRP B 378 14.88 19.50 -15.80
CA TRP B 378 15.56 20.29 -16.83
C TRP B 378 15.31 19.75 -18.24
N LEU B 379 15.47 18.45 -18.40
CA LEU B 379 15.28 17.81 -19.69
C LEU B 379 13.84 17.90 -20.14
N SER B 380 12.92 17.63 -19.23
CA SER B 380 11.49 17.70 -19.53
C SER B 380 11.09 19.11 -19.98
N TYR B 381 11.68 20.12 -19.33
CA TYR B 381 11.41 21.50 -19.70
C TYR B 381 11.89 21.80 -21.12
N LYS B 382 13.16 21.50 -21.37
CA LYS B 382 13.78 21.75 -22.67
C LYS B 382 12.94 21.19 -23.82
N VAL B 383 12.47 19.96 -23.64
CA VAL B 383 11.67 19.30 -24.65
C VAL B 383 10.33 19.99 -24.84
N ALA B 384 9.60 20.18 -23.74
CA ALA B 384 8.25 20.75 -23.79
C ALA B 384 8.26 22.21 -24.23
N SER B 385 9.28 22.96 -23.82
CA SER B 385 9.36 24.38 -24.14
C SER B 385 9.69 24.63 -25.61
N ALA B 386 10.05 23.56 -26.32
CA ALA B 386 10.36 23.66 -27.73
C ALA B 386 9.11 23.43 -28.58
N GLY B 387 8.02 23.04 -27.92
CA GLY B 387 6.77 22.79 -28.62
C GLY B 387 6.62 21.34 -29.03
N ILE B 388 7.36 20.45 -28.37
CA ILE B 388 7.25 19.03 -28.63
C ILE B 388 6.21 18.41 -27.70
N SER B 389 5.31 17.61 -28.25
CA SER B 389 4.35 16.89 -27.43
C SER B 389 5.05 15.68 -26.81
N TYR B 390 4.42 15.10 -25.78
CA TYR B 390 5.04 14.03 -25.01
C TYR B 390 5.40 12.80 -25.83
N LYS B 391 4.61 12.52 -26.88
CA LYS B 391 4.76 11.29 -27.62
C LYS B 391 5.62 11.41 -28.87
N ASP B 392 5.99 12.64 -29.23
CA ASP B 392 6.86 12.86 -30.38
C ASP B 392 8.32 12.60 -29.98
N ARG B 393 8.78 11.39 -30.25
CA ARG B 393 10.06 10.92 -29.73
C ARG B 393 11.27 11.27 -30.58
N GLU B 394 11.06 11.92 -31.72
CA GLU B 394 12.14 12.05 -32.69
C GLU B 394 13.23 13.03 -32.28
N TRP B 395 13.05 13.76 -31.19
CA TRP B 395 14.09 14.68 -30.73
C TRP B 395 15.26 13.91 -30.11
N CYS B 396 15.05 12.61 -29.92
CA CYS B 396 16.10 11.72 -29.42
C CYS B 396 17.11 11.37 -30.51
N PHE B 397 16.86 11.85 -31.73
CA PHE B 397 17.67 11.46 -32.87
C PHE B 397 18.17 12.63 -33.71
N THR B 398 17.69 13.84 -33.40
CA THR B 398 17.99 15.00 -34.23
C THR B 398 19.00 15.96 -33.61
N GLY B 399 19.79 15.46 -32.66
CA GLY B 399 20.85 16.27 -32.08
C GLY B 399 22.07 16.26 -32.98
N GLU B 400 22.97 17.21 -32.78
CA GLU B 400 24.23 17.23 -33.50
C GLU B 400 25.03 15.96 -33.18
N ARG B 401 25.99 15.61 -34.05
CA ARG B 401 26.70 14.35 -33.88
C ARG B 401 27.61 14.35 -32.66
N ASN B 402 27.70 15.47 -31.97
CA ASN B 402 28.41 15.53 -30.71
C ASN B 402 27.53 14.98 -29.59
N ASN B 403 26.22 15.01 -29.82
CA ASN B 403 25.26 14.50 -28.84
C ASN B 403 25.02 13.00 -28.97
N GLN B 404 25.86 12.33 -29.74
CA GLN B 404 25.77 10.89 -29.91
C GLN B 404 26.05 10.17 -28.60
N ILE B 405 25.15 9.27 -28.22
CA ILE B 405 25.29 8.54 -26.97
C ILE B 405 26.10 7.25 -27.18
N LEU B 406 27.14 7.07 -26.37
CA LEU B 406 27.96 5.88 -26.46
C LEU B 406 27.64 4.91 -25.32
N GLU B 407 27.60 3.62 -25.64
CA GLU B 407 27.39 2.59 -24.65
C GLU B 407 28.50 1.56 -24.74
N GLU B 408 29.45 1.65 -23.81
CA GLU B 408 30.68 0.87 -23.85
C GLU B 408 31.38 1.03 -25.19
N ASN B 409 31.74 2.28 -25.49
CA ASN B 409 32.52 2.64 -26.68
C ASN B 409 31.84 2.33 -28.00
N MET B 410 30.51 2.19 -27.97
CA MET B 410 29.75 1.92 -29.17
C MET B 410 28.56 2.87 -29.33
N GLU B 411 28.30 3.29 -30.56
CA GLU B 411 27.17 4.16 -30.83
C GLU B 411 25.85 3.44 -30.64
N VAL B 412 24.99 4.00 -29.80
CA VAL B 412 23.72 3.38 -29.47
C VAL B 412 22.74 3.45 -30.63
N GLU B 413 22.23 2.30 -31.03
CA GLU B 413 21.16 2.23 -32.02
C GLU B 413 19.83 2.03 -31.31
N ILE B 414 18.79 2.69 -31.80
CA ILE B 414 17.44 2.45 -31.29
C ILE B 414 16.59 1.86 -32.41
N TRP B 415 15.82 0.85 -32.11
CA TRP B 415 14.93 0.33 -33.11
C TRP B 415 13.55 0.79 -32.68
N THR B 416 12.93 1.63 -33.47
CA THR B 416 11.63 2.19 -33.17
C THR B 416 10.47 1.34 -33.54
N ARG B 417 9.29 1.86 -33.28
CA ARG B 417 8.03 1.23 -33.63
C ARG B 417 7.70 1.19 -35.12
N GLU B 418 7.86 2.31 -35.77
CA GLU B 418 7.49 2.46 -37.18
C GLU B 418 8.57 1.96 -38.12
N GLY B 419 9.38 1.00 -37.65
CA GLY B 419 10.32 0.30 -38.50
C GLY B 419 11.78 0.70 -38.36
N GLU B 420 12.06 1.98 -38.61
CA GLU B 420 13.42 2.49 -38.73
C GLU B 420 14.37 2.08 -37.61
N LYS B 421 15.65 1.95 -37.98
CA LYS B 421 16.74 1.91 -37.02
C LYS B 421 17.39 3.28 -36.97
N LYS B 422 17.57 3.82 -35.77
CA LYS B 422 18.10 5.17 -35.60
C LYS B 422 19.17 5.23 -34.53
N LYS B 423 20.15 6.11 -34.70
CA LYS B 423 21.16 6.33 -33.68
C LYS B 423 20.66 7.28 -32.62
N LEU B 424 20.83 6.89 -31.36
CA LEU B 424 20.39 7.70 -30.23
C LEU B 424 21.24 8.97 -30.13
N ARG B 425 20.64 10.11 -30.48
CA ARG B 425 21.37 11.37 -30.58
C ARG B 425 20.47 12.55 -30.23
N PRO B 426 20.19 12.74 -28.93
CA PRO B 426 19.21 13.72 -28.45
C PRO B 426 19.61 15.18 -28.63
N LYS B 427 18.64 16.04 -28.91
CA LYS B 427 18.88 17.47 -29.05
C LYS B 427 19.27 18.11 -27.73
N TRP B 428 19.10 17.37 -26.63
CA TRP B 428 19.45 17.86 -25.31
C TRP B 428 20.10 16.76 -24.48
N LEU B 429 21.24 17.06 -23.88
CA LEU B 429 21.97 16.07 -23.09
C LEU B 429 21.79 16.29 -21.59
N ASP B 430 21.15 15.32 -20.94
CA ASP B 430 21.14 15.25 -19.50
C ASP B 430 21.78 13.93 -19.09
N ALA B 431 22.95 14.00 -18.48
CA ALA B 431 23.71 12.81 -18.12
C ALA B 431 22.91 11.86 -17.23
N ARG B 432 21.90 12.38 -16.56
CA ARG B 432 21.06 11.57 -15.68
C ARG B 432 20.31 10.47 -16.42
N VAL B 433 20.07 10.65 -17.72
CA VAL B 433 19.34 9.65 -18.49
C VAL B 433 20.26 8.67 -19.23
N TYR B 434 21.57 8.81 -19.06
CA TYR B 434 22.49 7.88 -19.72
C TYR B 434 23.76 7.58 -18.95
N ALA B 435 23.95 8.18 -17.77
CA ALA B 435 25.14 7.90 -16.98
C ALA B 435 25.13 6.45 -16.51
N ASP B 436 24.21 6.13 -15.61
CA ASP B 436 24.02 4.76 -15.16
C ASP B 436 23.38 3.92 -16.28
N PRO B 437 23.91 2.72 -16.51
CA PRO B 437 23.46 1.82 -17.58
C PRO B 437 21.96 1.53 -17.55
N MET B 438 21.40 1.36 -16.35
CA MET B 438 19.97 1.07 -16.22
C MET B 438 19.15 2.30 -16.60
N ALA B 439 19.62 3.48 -16.21
CA ALA B 439 18.95 4.72 -16.59
C ALA B 439 18.93 4.87 -18.10
N LEU B 440 20.00 4.43 -18.75
CA LEU B 440 20.11 4.48 -20.20
C LEU B 440 19.17 3.48 -20.86
N LYS B 441 19.01 2.31 -20.22
CA LYS B 441 18.12 1.28 -20.74
C LYS B 441 16.67 1.77 -20.73
N ASP B 442 16.34 2.57 -19.72
CA ASP B 442 15.03 3.22 -19.64
C ASP B 442 14.89 4.26 -20.74
N PHE B 443 15.95 5.03 -20.96
CA PHE B 443 15.93 6.09 -21.95
C PHE B 443 15.93 5.50 -23.36
N LYS B 444 16.56 4.34 -23.51
CA LYS B 444 16.51 3.61 -24.77
C LYS B 444 15.08 3.16 -25.04
N GLU B 445 14.40 2.74 -24.00
CA GLU B 445 13.01 2.36 -24.09
C GLU B 445 12.17 3.54 -24.45
N PHE B 446 12.45 4.68 -23.87
CA PHE B 446 11.69 5.89 -24.13
C PHE B 446 11.85 6.35 -25.54
N ALA B 447 13.05 6.28 -26.07
CA ALA B 447 13.34 6.69 -27.43
C ALA B 447 12.61 5.87 -28.43
N SER B 448 12.53 4.58 -28.15
CA SER B 448 11.83 3.59 -28.94
C SER B 448 10.34 3.81 -28.98
N GLY B 449 9.78 4.40 -27.93
CA GLY B 449 8.36 4.66 -27.85
C GLY B 449 7.63 3.68 -27.00
N ARG B 450 8.38 2.84 -26.30
CA ARG B 450 7.84 1.79 -25.48
C ARG B 450 7.65 2.18 -24.05
N LYS B 451 7.69 3.45 -23.75
CA LYS B 451 7.51 3.89 -22.41
C LYS B 451 6.53 5.01 -22.39
P PO4 E . -1.33 -25.06 -0.59
O1 PO4 E . -0.58 -26.35 -0.80
O2 PO4 E . -1.37 -24.72 0.87
O3 PO4 E . -0.62 -23.95 -1.34
O4 PO4 E . -2.74 -25.22 -1.10
P PO4 F . 13.32 14.22 15.25
O1 PO4 F . 13.71 15.65 15.51
O2 PO4 F . 14.06 13.70 14.04
O3 PO4 F . 13.69 13.38 16.45
O4 PO4 F . 11.84 14.12 15.02
#